data_1J36
#
_entry.id   1J36
#
_cell.length_a   94.912
_cell.length_b   121.223
_cell.length_c   94.740
_cell.angle_alpha   90.00
_cell.angle_beta   99.39
_cell.angle_gamma   90.00
#
_symmetry.space_group_name_H-M   'P 1 21 1'
#
loop_
_entity.id
_entity.type
_entity.pdbx_description
1 polymer 'angiotensin converting enzyme'
2 non-polymer 'ZINC ION'
3 non-polymer [N2-[(S)-1-CARBOXY-3-PHENYLPROPYL]-L-LYSYL-L-PROLINE
4 water water
#
_entity_poly.entity_id   1
_entity_poly.type   'polypeptide(L)'
_entity_poly.pdbx_seq_one_letter_code
;VTQALVKEEIQAKEYLENLNKELAKRTNVETEAAWAYRSAITDENEKKKNEISAELAKFMKEVASDTTKFQWRSYQSEDL
KRQFKALTKLGYAALPEDDYAELLDTLSAMESNFAKVKVCDYKDSTKCDLALDPEIEEVISKSRDHEELAYYWREFYDKA
GTAVRSQFERYVELNTKAAKLNNFTSGAEAWLDEYEDDTFEQQLEDIFADIRPLYQQIHGYVRFRLRKHYGDAVVSETGP
IPMHLLGNMWAQQWSEIADIVSPFPEKPLVDVSAEMEKQAYTPLKMFQMGDDFFTSMNLTKLPQDFWDKSIIEKPTDGRD
LVCHASAWDFYLIDDVRIKQCTRVTQDQLFTVHHELGHIQYFLQYQHQPFVYRTGANPGFHEAVGDVLSLSVSTPKHLEK
IGLLKDYVRDDEARINQLFLTALDKIVFLPFAFTMDKYRWSLFRGEVDKANWNCAFWKLRDEYSGIEPPVVRSEKDFDAP
AKYHISADVEYLRYLVSFIIQFQFYKSACIKAGQYDPDNVELPLDNCDIYGSARAGAAFHNMLSMGASKPWPDALEAFNG
ERIMSGKAIAEYFEPLRVWLEAENIKNNVHIGWITSNKCVSSHHHHH
;
_entity_poly.pdbx_strand_id   A,B
#
# COMPACT_ATOMS: atom_id res chain seq x y z
N ILE A 10 39.57 -36.08 25.81
CA ILE A 10 40.88 -36.05 25.09
C ILE A 10 40.77 -35.07 23.92
N GLN A 11 41.88 -34.80 23.24
CA GLN A 11 41.88 -33.86 22.12
C GLN A 11 41.80 -34.51 20.75
N ALA A 12 40.69 -34.24 20.08
CA ALA A 12 40.44 -34.75 18.76
C ALA A 12 40.76 -33.60 17.80
N LYS A 13 41.13 -32.46 18.38
CA LYS A 13 41.47 -31.30 17.57
C LYS A 13 42.64 -31.64 16.68
N GLU A 14 43.68 -32.24 17.27
CA GLU A 14 44.83 -32.64 16.48
C GLU A 14 44.37 -33.64 15.43
N TYR A 15 43.38 -34.46 15.77
CA TYR A 15 42.85 -35.45 14.84
C TYR A 15 42.20 -34.73 13.66
N LEU A 16 41.21 -33.89 13.96
CA LEU A 16 40.49 -33.14 12.95
C LEU A 16 41.41 -32.37 12.03
N GLU A 17 42.40 -31.70 12.61
CA GLU A 17 43.34 -30.94 11.78
C GLU A 17 44.00 -31.86 10.78
N ASN A 18 44.54 -32.96 11.29
CA ASN A 18 45.18 -33.94 10.44
C ASN A 18 44.20 -34.46 9.39
N LEU A 19 42.98 -34.77 9.82
CA LEU A 19 41.98 -35.29 8.90
C LEU A 19 41.55 -34.32 7.79
N ASN A 20 41.27 -33.06 8.13
CA ASN A 20 40.85 -32.11 7.12
C ASN A 20 41.92 -31.92 6.06
N LYS A 21 43.17 -31.91 6.50
CA LYS A 21 44.28 -31.71 5.59
C LYS A 21 44.36 -32.87 4.62
N GLU A 22 44.00 -34.07 5.08
CA GLU A 22 44.04 -35.23 4.20
C GLU A 22 42.84 -35.17 3.24
N LEU A 23 41.67 -34.82 3.78
CA LEU A 23 40.48 -34.73 2.96
C LEU A 23 40.66 -33.72 1.83
N ALA A 24 41.35 -32.62 2.13
CA ALA A 24 41.60 -31.58 1.12
C ALA A 24 42.51 -32.12 0.02
N LYS A 25 43.59 -32.77 0.43
CA LYS A 25 44.53 -33.36 -0.52
C LYS A 25 43.78 -34.38 -1.40
N ARG A 26 42.93 -35.19 -0.78
CA ARG A 26 42.20 -36.20 -1.54
C ARG A 26 41.11 -35.60 -2.41
N THR A 27 40.41 -34.59 -1.92
CA THR A 27 39.38 -33.97 -2.73
C THR A 27 40.04 -33.27 -3.92
N ASN A 28 41.25 -32.77 -3.73
CA ASN A 28 41.98 -32.13 -4.82
C ASN A 28 42.07 -33.12 -5.97
N VAL A 29 42.50 -34.35 -5.67
CA VAL A 29 42.64 -35.39 -6.69
C VAL A 29 41.30 -35.67 -7.38
N GLU A 30 40.25 -35.74 -6.59
CA GLU A 30 38.91 -35.99 -7.13
C GLU A 30 38.49 -34.82 -8.03
N THR A 31 38.73 -33.61 -7.56
CA THR A 31 38.38 -32.41 -8.30
C THR A 31 39.07 -32.35 -9.68
N GLU A 32 40.35 -32.69 -9.74
CA GLU A 32 41.09 -32.68 -11.01
C GLU A 32 40.46 -33.63 -12.04
N ALA A 33 40.00 -34.80 -11.58
CA ALA A 33 39.38 -35.76 -12.48
C ALA A 33 38.02 -35.20 -12.90
N ALA A 34 37.28 -34.59 -11.98
CA ALA A 34 35.98 -34.01 -12.34
C ALA A 34 36.24 -32.97 -13.42
N TRP A 35 37.25 -32.14 -13.19
CA TRP A 35 37.59 -31.08 -14.14
C TRP A 35 37.98 -31.59 -15.52
N ALA A 36 38.78 -32.66 -15.57
CA ALA A 36 39.21 -33.21 -16.84
C ALA A 36 38.05 -33.73 -17.67
N TYR A 37 37.15 -34.44 -17.00
CA TYR A 37 35.98 -35.00 -17.65
C TYR A 37 35.11 -33.90 -18.22
N ARG A 38 34.72 -33.00 -17.34
CA ARG A 38 33.85 -31.90 -17.71
C ARG A 38 34.50 -30.88 -18.66
N SER A 39 35.76 -31.13 -19.01
CA SER A 39 36.48 -30.27 -19.93
C SER A 39 36.69 -31.01 -21.25
N ALA A 40 36.63 -32.34 -21.15
CA ALA A 40 36.82 -33.23 -22.30
C ALA A 40 36.12 -34.52 -21.96
N ILE A 41 34.86 -34.63 -22.39
CA ILE A 41 34.03 -35.81 -22.13
C ILE A 41 34.44 -37.07 -22.89
N THR A 42 35.10 -38.00 -22.20
CA THR A 42 35.57 -39.26 -22.81
C THR A 42 35.28 -40.41 -21.85
N ASP A 43 35.00 -41.59 -22.39
CA ASP A 43 34.74 -42.74 -21.53
C ASP A 43 35.86 -42.95 -20.54
N GLU A 44 37.08 -42.65 -20.97
CA GLU A 44 38.26 -42.82 -20.12
C GLU A 44 38.20 -41.90 -18.92
N ASN A 45 38.02 -40.61 -19.20
CA ASN A 45 37.94 -39.59 -18.16
C ASN A 45 36.76 -39.87 -17.23
N GLU A 46 35.66 -40.36 -17.80
CA GLU A 46 34.50 -40.68 -17.00
C GLU A 46 34.84 -41.77 -16.00
N LYS A 47 35.59 -42.77 -16.47
CA LYS A 47 36.00 -43.90 -15.65
C LYS A 47 36.91 -43.45 -14.51
N LYS A 48 37.96 -42.71 -14.83
CA LYS A 48 38.87 -42.23 -13.79
C LYS A 48 38.06 -41.45 -12.75
N LYS A 49 37.25 -40.52 -13.27
CA LYS A 49 36.41 -39.66 -12.48
C LYS A 49 35.65 -40.42 -11.40
N ASN A 50 34.83 -41.38 -11.82
CA ASN A 50 34.07 -42.16 -10.84
C ASN A 50 34.98 -43.04 -9.99
N GLU A 51 36.07 -43.51 -10.59
CA GLU A 51 37.03 -44.37 -9.90
C GLU A 51 37.53 -43.66 -8.66
N ILE A 52 37.96 -42.40 -8.83
CA ILE A 52 38.47 -41.58 -7.73
C ILE A 52 37.39 -41.42 -6.65
N SER A 53 36.19 -41.04 -7.08
CA SER A 53 35.08 -40.86 -6.16
C SER A 53 34.81 -42.14 -5.37
N ALA A 54 34.87 -43.29 -6.05
CA ALA A 54 34.65 -44.57 -5.38
C ALA A 54 35.69 -44.74 -4.27
N GLU A 55 36.95 -44.45 -4.58
CA GLU A 55 37.99 -44.59 -3.54
C GLU A 55 37.74 -43.66 -2.37
N LEU A 56 37.57 -42.37 -2.65
CA LEU A 56 37.31 -41.41 -1.59
C LEU A 56 36.13 -41.87 -0.73
N ALA A 57 35.11 -42.43 -1.37
CA ALA A 57 33.94 -42.90 -0.63
C ALA A 57 34.29 -44.00 0.41
N LYS A 58 35.24 -44.88 0.07
CA LYS A 58 35.63 -45.94 1.01
C LYS A 58 36.43 -45.35 2.17
N PHE A 59 37.24 -44.33 1.86
CA PHE A 59 38.02 -43.67 2.87
C PHE A 59 37.09 -43.02 3.91
N MET A 60 36.04 -42.35 3.43
CA MET A 60 35.08 -41.68 4.32
C MET A 60 34.40 -42.66 5.27
N LYS A 61 34.05 -43.82 4.74
CA LYS A 61 33.38 -44.84 5.53
C LYS A 61 34.34 -45.24 6.65
N GLU A 62 35.61 -45.40 6.28
CA GLU A 62 36.63 -45.79 7.23
C GLU A 62 36.99 -44.68 8.21
N VAL A 63 36.58 -43.47 7.88
CA VAL A 63 36.84 -42.31 8.72
C VAL A 63 35.60 -42.07 9.57
N ALA A 64 34.48 -42.64 9.14
CA ALA A 64 33.22 -42.50 9.87
C ALA A 64 33.23 -43.44 11.07
N SER A 65 33.81 -44.63 10.89
CA SER A 65 33.87 -45.60 11.97
C SER A 65 34.90 -45.19 13.02
N ASP A 66 35.93 -44.46 12.59
CA ASP A 66 36.97 -44.01 13.53
C ASP A 66 36.42 -42.98 14.50
N THR A 67 35.56 -42.09 14.01
CA THR A 67 34.99 -41.06 14.85
C THR A 67 34.19 -41.65 16.00
N THR A 68 33.94 -42.96 15.95
CA THR A 68 33.20 -43.61 17.02
C THR A 68 34.05 -43.52 18.28
N LYS A 69 35.35 -43.41 18.06
CA LYS A 69 36.33 -43.31 19.13
C LYS A 69 36.09 -42.04 19.94
N PHE A 70 36.02 -40.91 19.25
CA PHE A 70 35.80 -39.61 19.88
C PHE A 70 34.32 -39.37 20.16
N GLN A 71 33.95 -39.34 21.44
CA GLN A 71 32.55 -39.13 21.81
C GLN A 71 32.22 -37.63 21.80
N TRP A 72 32.32 -37.02 20.62
CA TRP A 72 32.05 -35.61 20.44
C TRP A 72 30.63 -35.18 20.82
N ARG A 73 29.68 -36.09 20.73
CA ARG A 73 28.29 -35.80 21.07
C ARG A 73 28.12 -35.48 22.55
N SER A 74 29.20 -35.05 23.21
CA SER A 74 29.14 -34.70 24.62
C SER A 74 30.34 -33.79 24.94
N TYR A 75 30.98 -33.30 23.88
CA TYR A 75 32.13 -32.44 24.01
C TYR A 75 31.89 -31.03 24.56
N GLN A 76 32.99 -30.32 24.75
CA GLN A 76 32.98 -28.97 25.29
C GLN A 76 32.93 -27.90 24.19
N SER A 77 34.11 -27.54 23.69
CA SER A 77 34.29 -26.52 22.66
C SER A 77 33.58 -26.80 21.35
N GLU A 78 32.39 -26.22 21.15
CA GLU A 78 31.67 -26.44 19.91
C GLU A 78 32.37 -25.67 18.80
N ASP A 79 32.91 -26.45 17.88
CA ASP A 79 33.65 -26.00 16.72
C ASP A 79 34.24 -27.32 16.31
N LEU A 80 34.70 -28.07 17.32
CA LEU A 80 35.23 -29.40 17.11
C LEU A 80 33.96 -30.21 16.92
N LYS A 81 33.01 -30.00 17.82
CA LYS A 81 31.75 -30.71 17.77
C LYS A 81 31.00 -30.35 16.50
N ARG A 82 31.32 -29.20 15.90
CA ARG A 82 30.68 -28.78 14.66
C ARG A 82 31.30 -29.57 13.51
N GLN A 83 32.62 -29.70 13.55
CA GLN A 83 33.36 -30.43 12.52
C GLN A 83 32.99 -31.92 12.46
N PHE A 84 32.84 -32.55 13.61
CA PHE A 84 32.46 -33.96 13.64
C PHE A 84 31.08 -34.18 13.06
N LYS A 85 30.11 -33.40 13.53
CA LYS A 85 28.75 -33.53 13.02
C LYS A 85 28.78 -33.43 11.49
N ALA A 86 29.64 -32.55 10.98
CA ALA A 86 29.75 -32.33 9.54
C ALA A 86 30.51 -33.42 8.80
N LEU A 87 31.69 -33.79 9.31
CA LEU A 87 32.48 -34.83 8.68
C LEU A 87 31.81 -36.19 8.71
N THR A 88 31.17 -36.54 9.82
CA THR A 88 30.52 -37.83 9.94
C THR A 88 29.27 -37.89 9.07
N LYS A 89 28.74 -36.72 8.72
CA LYS A 89 27.56 -36.69 7.86
C LYS A 89 28.01 -37.04 6.46
N LEU A 90 28.04 -38.34 6.20
CA LEU A 90 28.44 -38.85 4.90
C LEU A 90 27.22 -38.65 4.01
N GLY A 91 27.42 -38.42 2.73
CA GLY A 91 26.25 -38.25 1.89
C GLY A 91 26.01 -39.55 1.17
N TYR A 92 26.12 -39.51 -0.15
CA TYR A 92 25.94 -40.68 -1.00
C TYR A 92 26.95 -41.73 -0.60
N ALA A 93 27.99 -41.29 0.11
CA ALA A 93 29.07 -42.16 0.54
C ALA A 93 28.69 -43.18 1.61
N ALA A 94 27.60 -42.94 2.33
CA ALA A 94 27.18 -43.91 3.35
C ALA A 94 26.78 -45.20 2.60
N LEU A 95 26.28 -45.01 1.38
CA LEU A 95 25.84 -46.11 0.51
C LEU A 95 26.83 -47.26 0.38
N PRO A 96 26.35 -48.49 0.19
CA PRO A 96 27.29 -49.60 0.05
C PRO A 96 27.96 -49.56 -1.33
N GLU A 97 29.19 -50.07 -1.39
CA GLU A 97 29.99 -50.07 -2.61
C GLU A 97 29.23 -50.26 -3.92
N ASP A 98 28.55 -51.39 -4.06
CA ASP A 98 27.80 -51.68 -5.28
C ASP A 98 26.82 -50.56 -5.68
N ASP A 99 26.00 -50.10 -4.73
CA ASP A 99 25.05 -49.04 -5.02
C ASP A 99 25.77 -47.73 -5.42
N TYR A 100 26.70 -47.27 -4.59
CA TYR A 100 27.44 -46.05 -4.87
C TYR A 100 27.98 -46.06 -6.31
N ALA A 101 28.58 -47.17 -6.70
CA ALA A 101 29.11 -47.29 -8.06
C ALA A 101 27.96 -47.17 -9.06
N GLU A 102 26.84 -47.80 -8.77
CA GLU A 102 25.72 -47.70 -9.70
C GLU A 102 25.25 -46.26 -9.75
N LEU A 103 25.20 -45.59 -8.60
CA LEU A 103 24.76 -44.19 -8.56
C LEU A 103 25.68 -43.33 -9.42
N LEU A 104 26.98 -43.56 -9.30
CA LEU A 104 27.94 -42.79 -10.06
C LEU A 104 27.66 -42.94 -11.55
N ASP A 105 27.34 -44.17 -11.96
CA ASP A 105 27.05 -44.45 -13.35
C ASP A 105 25.81 -43.75 -13.84
N THR A 106 24.67 -44.02 -13.21
CA THR A 106 23.43 -43.40 -13.65
C THR A 106 23.60 -41.86 -13.66
N LEU A 107 24.32 -41.33 -12.67
CA LEU A 107 24.59 -39.91 -12.57
C LEU A 107 25.38 -39.46 -13.82
N SER A 108 26.37 -40.25 -14.19
CA SER A 108 27.19 -39.98 -15.37
C SER A 108 26.36 -40.07 -16.61
N ALA A 109 25.46 -41.05 -16.64
CA ALA A 109 24.62 -41.26 -17.79
C ALA A 109 23.77 -40.03 -18.11
N MET A 110 23.18 -39.42 -17.08
CA MET A 110 22.34 -38.23 -17.29
C MET A 110 23.19 -37.03 -17.70
N GLU A 111 24.22 -36.73 -16.91
CA GLU A 111 25.14 -35.63 -17.14
C GLU A 111 25.65 -35.64 -18.60
N SER A 112 26.32 -36.72 -18.98
CA SER A 112 26.83 -36.83 -20.35
C SER A 112 25.66 -36.76 -21.33
N ASN A 113 24.52 -37.37 -20.99
CA ASN A 113 23.44 -37.29 -21.95
C ASN A 113 23.07 -35.83 -22.25
N PHE A 114 22.96 -35.03 -21.20
CA PHE A 114 22.62 -33.62 -21.35
C PHE A 114 23.61 -32.88 -22.27
N ALA A 115 24.89 -32.92 -21.89
CA ALA A 115 25.93 -32.24 -22.65
C ALA A 115 26.12 -32.75 -24.09
N LYS A 116 25.64 -33.95 -24.41
CA LYS A 116 25.82 -34.43 -25.77
C LYS A 116 24.66 -34.18 -26.70
N VAL A 117 23.66 -33.44 -26.21
CA VAL A 117 22.50 -33.15 -27.03
C VAL A 117 22.86 -32.34 -28.26
N LYS A 118 22.37 -32.81 -29.41
CA LYS A 118 22.57 -32.17 -30.70
C LYS A 118 21.25 -32.32 -31.44
N VAL A 119 20.84 -31.27 -32.15
CA VAL A 119 19.60 -31.33 -32.92
C VAL A 119 19.81 -30.79 -34.33
N CYS A 120 18.94 -31.18 -35.24
CA CYS A 120 19.05 -30.74 -36.62
C CYS A 120 18.42 -29.36 -36.80
N ASP A 121 19.08 -28.51 -37.59
CA ASP A 121 18.58 -27.16 -37.85
C ASP A 121 17.21 -27.24 -38.55
N TYR A 122 16.33 -26.36 -38.12
CA TYR A 122 14.97 -26.25 -38.63
C TYR A 122 14.86 -25.93 -40.12
N LYS A 123 15.89 -25.29 -40.65
CA LYS A 123 15.92 -24.91 -42.06
C LYS A 123 16.97 -25.69 -42.87
N ASP A 124 17.53 -26.73 -42.28
CA ASP A 124 18.52 -27.58 -42.94
C ASP A 124 18.58 -28.93 -42.24
N SER A 125 17.70 -29.85 -42.61
CA SER A 125 17.66 -31.17 -41.96
C SER A 125 18.99 -31.92 -42.13
N THR A 126 19.94 -31.28 -42.78
CA THR A 126 21.23 -31.91 -43.01
C THR A 126 22.30 -31.57 -41.95
N LYS A 127 22.24 -30.38 -41.37
CA LYS A 127 23.25 -30.00 -40.38
C LYS A 127 23.31 -30.86 -39.11
N CYS A 128 22.26 -30.86 -38.31
CA CYS A 128 22.25 -31.71 -37.11
C CYS A 128 23.45 -31.65 -36.14
N ASP A 129 24.16 -30.52 -36.08
CA ASP A 129 25.29 -30.40 -35.16
C ASP A 129 25.07 -29.26 -34.19
N LEU A 130 23.85 -28.71 -34.16
CA LEU A 130 23.56 -27.61 -33.26
C LEU A 130 23.39 -28.10 -31.82
N ALA A 131 24.13 -27.49 -30.89
CA ALA A 131 24.07 -27.86 -29.50
C ALA A 131 23.33 -26.77 -28.72
N LEU A 132 23.04 -27.07 -27.47
CA LEU A 132 22.33 -26.12 -26.63
C LEU A 132 23.06 -24.81 -26.36
N ASP A 133 24.28 -24.88 -25.82
CA ASP A 133 24.96 -23.66 -25.47
C ASP A 133 25.00 -22.63 -26.58
N PRO A 134 25.75 -22.88 -27.65
CA PRO A 134 25.66 -21.78 -28.61
C PRO A 134 24.34 -21.72 -29.39
N GLU A 135 24.28 -22.44 -30.50
CA GLU A 135 23.13 -22.43 -31.41
C GLU A 135 21.72 -22.34 -30.88
N ILE A 136 21.18 -23.44 -30.37
CA ILE A 136 19.80 -23.45 -29.89
C ILE A 136 19.51 -22.34 -28.86
N GLU A 137 20.46 -22.07 -27.99
CA GLU A 137 20.30 -21.06 -26.96
C GLU A 137 20.03 -19.71 -27.63
N GLU A 138 20.72 -19.46 -28.75
CA GLU A 138 20.56 -18.22 -29.49
C GLU A 138 19.22 -18.16 -30.18
N VAL A 139 18.83 -19.26 -30.83
CA VAL A 139 17.54 -19.30 -31.53
C VAL A 139 16.41 -18.91 -30.59
N ILE A 140 16.32 -19.59 -29.44
CA ILE A 140 15.27 -19.27 -28.50
C ILE A 140 15.30 -17.81 -28.08
N SER A 141 16.49 -17.20 -28.05
CA SER A 141 16.63 -15.79 -27.67
C SER A 141 16.15 -14.80 -28.72
N LYS A 142 16.59 -15.01 -29.96
CA LYS A 142 16.29 -14.09 -31.06
C LYS A 142 15.10 -14.37 -31.97
N SER A 143 14.77 -15.64 -32.17
CA SER A 143 13.66 -15.96 -33.06
C SER A 143 12.31 -15.47 -32.57
N ARG A 144 11.44 -15.15 -33.51
CA ARG A 144 10.10 -14.66 -33.21
C ARG A 144 9.09 -15.41 -34.08
N ASP A 145 9.47 -16.62 -34.45
CA ASP A 145 8.61 -17.50 -35.23
C ASP A 145 8.23 -18.56 -34.20
N HIS A 146 7.00 -18.49 -33.71
CA HIS A 146 6.54 -19.43 -32.70
C HIS A 146 6.67 -20.89 -33.11
N GLU A 147 6.42 -21.19 -34.38
CA GLU A 147 6.52 -22.57 -34.84
C GLU A 147 8.00 -23.01 -34.79
N GLU A 148 8.91 -22.09 -35.11
CA GLU A 148 10.34 -22.42 -35.06
C GLU A 148 10.78 -22.63 -33.59
N LEU A 149 10.31 -21.78 -32.68
CA LEU A 149 10.67 -21.92 -31.27
C LEU A 149 10.11 -23.23 -30.74
N ALA A 150 8.93 -23.60 -31.22
CA ALA A 150 8.29 -24.85 -30.79
C ALA A 150 9.14 -26.02 -31.26
N TYR A 151 9.61 -25.94 -32.50
CA TYR A 151 10.43 -27.00 -33.06
C TYR A 151 11.60 -27.28 -32.15
N TYR A 152 12.38 -26.23 -31.89
CA TYR A 152 13.55 -26.34 -31.03
C TYR A 152 13.23 -26.79 -29.62
N TRP A 153 12.07 -26.40 -29.10
CA TRP A 153 11.68 -26.78 -27.74
C TRP A 153 11.47 -28.28 -27.74
N ARG A 154 10.62 -28.74 -28.65
CA ARG A 154 10.29 -30.14 -28.76
C ARG A 154 11.53 -31.01 -28.99
N GLU A 155 12.37 -30.60 -29.93
CA GLU A 155 13.58 -31.36 -30.24
C GLU A 155 14.51 -31.47 -29.05
N PHE A 156 14.70 -30.37 -28.33
CA PHE A 156 15.59 -30.37 -27.18
C PHE A 156 15.07 -31.17 -25.98
N TYR A 157 13.79 -30.99 -25.64
CA TYR A 157 13.20 -31.70 -24.52
C TYR A 157 13.16 -33.22 -24.69
N ASP A 158 12.97 -33.69 -25.92
CA ASP A 158 12.92 -35.12 -26.17
C ASP A 158 14.28 -35.81 -25.99
N LYS A 159 15.37 -35.06 -26.21
CA LYS A 159 16.71 -35.63 -26.08
C LYS A 159 17.28 -35.46 -24.68
N ALA A 160 17.16 -34.26 -24.14
CA ALA A 160 17.69 -33.95 -22.82
C ALA A 160 16.83 -34.46 -21.65
N GLY A 161 15.52 -34.55 -21.83
CA GLY A 161 14.67 -35.03 -20.76
C GLY A 161 14.27 -36.49 -20.88
N THR A 162 13.34 -36.76 -21.78
CA THR A 162 12.81 -38.08 -22.01
C THR A 162 13.81 -39.22 -22.07
N ALA A 163 14.83 -39.09 -22.90
CA ALA A 163 15.82 -40.14 -23.05
C ALA A 163 16.46 -40.66 -21.75
N VAL A 164 16.25 -39.96 -20.64
CA VAL A 164 16.87 -40.40 -19.40
C VAL A 164 15.93 -40.70 -18.21
N ARG A 165 14.63 -40.88 -18.46
CA ARG A 165 13.70 -41.17 -17.38
C ARG A 165 14.16 -42.36 -16.53
N SER A 166 14.58 -43.42 -17.22
CA SER A 166 15.06 -44.65 -16.60
C SER A 166 16.17 -44.42 -15.58
N GLN A 167 17.18 -43.66 -15.96
CA GLN A 167 18.28 -43.39 -15.03
C GLN A 167 17.82 -42.48 -13.89
N PHE A 168 17.06 -41.45 -14.25
CA PHE A 168 16.58 -40.51 -13.24
C PHE A 168 15.86 -41.25 -12.10
N GLU A 169 14.95 -42.14 -12.45
CA GLU A 169 14.19 -42.91 -11.47
C GLU A 169 15.09 -43.69 -10.51
N ARG A 170 16.09 -44.39 -11.04
CA ARG A 170 17.00 -45.15 -10.19
C ARG A 170 17.78 -44.18 -9.30
N TYR A 171 18.07 -43.00 -9.85
CA TYR A 171 18.79 -41.98 -9.11
C TYR A 171 17.98 -41.60 -7.89
N VAL A 172 16.69 -41.39 -8.11
CA VAL A 172 15.80 -41.04 -7.01
C VAL A 172 15.83 -42.12 -5.94
N GLU A 173 15.79 -43.38 -6.39
CA GLU A 173 15.79 -44.52 -5.47
C GLU A 173 17.06 -44.58 -4.65
N LEU A 174 18.21 -44.42 -5.32
CA LEU A 174 19.47 -44.46 -4.61
C LEU A 174 19.61 -43.24 -3.70
N ASN A 175 19.13 -42.10 -4.18
CA ASN A 175 19.20 -40.88 -3.39
C ASN A 175 18.41 -41.09 -2.08
N THR A 176 17.24 -41.72 -2.18
CA THR A 176 16.43 -41.96 -1.00
C THR A 176 17.11 -42.95 -0.06
N LYS A 177 17.70 -44.01 -0.63
CA LYS A 177 18.37 -45.00 0.17
C LYS A 177 19.52 -44.35 0.95
N ALA A 178 20.31 -43.55 0.24
CA ALA A 178 21.43 -42.87 0.86
C ALA A 178 20.98 -42.00 2.04
N ALA A 179 19.91 -41.22 1.83
CA ALA A 179 19.41 -40.33 2.87
C ALA A 179 19.05 -41.05 4.17
N LYS A 180 18.26 -42.11 4.07
CA LYS A 180 17.88 -42.87 5.26
C LYS A 180 19.12 -43.41 5.99
N LEU A 181 20.12 -43.86 5.22
CA LEU A 181 21.34 -44.38 5.84
C LEU A 181 21.99 -43.32 6.74
N ASN A 182 21.72 -42.04 6.45
CA ASN A 182 22.27 -40.93 7.22
C ASN A 182 21.28 -40.37 8.23
N ASN A 183 20.23 -41.13 8.49
CA ASN A 183 19.20 -40.74 9.44
C ASN A 183 18.23 -39.66 8.96
N PHE A 184 18.22 -39.38 7.67
CA PHE A 184 17.30 -38.39 7.11
C PHE A 184 16.05 -39.12 6.59
N THR A 185 14.92 -38.41 6.60
CA THR A 185 13.66 -38.96 6.12
C THR A 185 13.75 -39.28 4.64
N SER A 186 14.43 -38.40 3.90
CA SER A 186 14.61 -38.55 2.47
C SER A 186 15.63 -37.52 2.01
N GLY A 187 15.99 -37.58 0.73
CA GLY A 187 16.95 -36.63 0.20
C GLY A 187 16.49 -35.20 0.31
N ALA A 188 15.18 -35.02 0.45
CA ALA A 188 14.59 -33.71 0.57
C ALA A 188 14.97 -33.05 1.88
N GLU A 189 14.87 -33.80 2.97
CA GLU A 189 15.20 -33.25 4.27
C GLU A 189 16.71 -33.09 4.41
N ALA A 190 17.45 -33.91 3.68
CA ALA A 190 18.92 -33.87 3.69
C ALA A 190 19.43 -32.56 3.08
N TRP A 191 18.78 -32.14 2.00
CA TRP A 191 19.16 -30.89 1.35
C TRP A 191 18.78 -29.76 2.28
N LEU A 192 17.58 -29.82 2.85
CA LEU A 192 17.14 -28.77 3.77
C LEU A 192 18.05 -28.66 4.99
N ASP A 193 18.70 -29.76 5.34
CA ASP A 193 19.60 -29.76 6.49
C ASP A 193 20.69 -28.68 6.33
N GLU A 194 21.07 -28.40 5.09
CA GLU A 194 22.12 -27.41 4.81
C GLU A 194 21.80 -25.98 5.27
N TYR A 195 20.53 -25.67 5.49
CA TYR A 195 20.13 -24.34 5.92
C TYR A 195 19.97 -24.30 7.46
N GLU A 196 20.24 -25.45 8.09
CA GLU A 196 20.18 -25.59 9.54
C GLU A 196 19.03 -24.81 10.19
N ASP A 197 17.80 -25.07 9.76
CA ASP A 197 16.64 -24.38 10.31
C ASP A 197 15.36 -25.14 9.96
N ASP A 198 14.80 -25.81 10.97
CA ASP A 198 13.59 -26.61 10.79
C ASP A 198 12.39 -25.87 10.23
N THR A 199 12.48 -24.54 10.13
CA THR A 199 11.34 -23.77 9.57
C THR A 199 11.73 -23.05 8.28
N PHE A 200 12.80 -23.50 7.62
CA PHE A 200 13.26 -22.86 6.39
C PHE A 200 12.28 -22.91 5.21
N GLU A 201 11.72 -24.08 4.94
CA GLU A 201 10.77 -24.21 3.83
C GLU A 201 9.56 -23.28 4.01
N GLN A 202 9.07 -23.19 5.24
CA GLN A 202 7.93 -22.33 5.52
C GLN A 202 8.29 -20.85 5.33
N GLN A 203 9.49 -20.47 5.76
CA GLN A 203 9.94 -19.09 5.59
C GLN A 203 9.94 -18.77 4.09
N LEU A 204 10.41 -19.72 3.30
CA LEU A 204 10.44 -19.51 1.88
C LEU A 204 9.03 -19.46 1.30
N GLU A 205 8.13 -20.24 1.88
CA GLU A 205 6.74 -20.25 1.42
C GLU A 205 6.09 -18.88 1.74
N ASP A 206 6.47 -18.29 2.87
CA ASP A 206 5.93 -17.01 3.30
C ASP A 206 6.45 -15.81 2.50
N ILE A 207 7.72 -15.83 2.11
CA ILE A 207 8.27 -14.73 1.33
C ILE A 207 7.68 -14.78 -0.08
N PHE A 208 7.56 -15.98 -0.63
CA PHE A 208 7.00 -16.14 -1.98
C PHE A 208 5.59 -15.58 -1.98
N ALA A 209 4.82 -15.90 -0.94
CA ALA A 209 3.45 -15.44 -0.83
C ALA A 209 3.38 -13.90 -0.91
N ASP A 210 4.37 -13.24 -0.30
CA ASP A 210 4.41 -11.78 -0.30
C ASP A 210 4.74 -11.16 -1.65
N ILE A 211 5.55 -11.84 -2.43
CA ILE A 211 5.97 -11.33 -3.74
C ILE A 211 5.06 -11.77 -4.88
N ARG A 212 4.39 -12.91 -4.69
CA ARG A 212 3.50 -13.47 -5.71
C ARG A 212 2.59 -12.43 -6.35
N PRO A 213 1.94 -11.58 -5.54
CA PRO A 213 1.07 -10.57 -6.14
C PRO A 213 1.85 -9.74 -7.17
N LEU A 214 3.09 -9.39 -6.85
CA LEU A 214 3.89 -8.63 -7.79
C LEU A 214 4.13 -9.55 -8.99
N TYR A 215 4.34 -10.84 -8.75
CA TYR A 215 4.58 -11.73 -9.88
C TYR A 215 3.37 -11.79 -10.80
N GLN A 216 2.19 -11.54 -10.25
CA GLN A 216 0.95 -11.57 -11.04
C GLN A 216 0.48 -10.19 -11.48
N GLN A 217 1.42 -9.43 -12.03
CA GLN A 217 1.20 -8.09 -12.54
C GLN A 217 2.23 -7.93 -13.66
N ILE A 218 3.14 -8.90 -13.70
CA ILE A 218 4.21 -8.98 -14.70
C ILE A 218 3.77 -10.06 -15.67
N HIS A 219 3.28 -11.16 -15.10
CA HIS A 219 2.81 -12.30 -15.87
C HIS A 219 1.70 -11.88 -16.82
N GLY A 220 0.64 -11.29 -16.27
CA GLY A 220 -0.47 -10.84 -17.09
C GLY A 220 -0.05 -9.80 -18.10
N TYR A 221 0.90 -8.94 -17.73
CA TYR A 221 1.38 -7.90 -18.61
C TYR A 221 2.19 -8.48 -19.77
N VAL A 222 2.99 -9.49 -19.47
CA VAL A 222 3.81 -10.15 -20.48
C VAL A 222 2.94 -11.00 -21.39
N ARG A 223 1.88 -11.57 -20.84
CA ARG A 223 0.94 -12.38 -21.61
C ARG A 223 0.14 -11.45 -22.51
N PHE A 224 0.00 -10.21 -22.06
CA PHE A 224 -0.73 -9.18 -22.78
C PHE A 224 -0.04 -8.78 -24.09
N ARG A 225 1.22 -8.34 -23.97
CA ARG A 225 1.99 -7.92 -25.13
C ARG A 225 2.22 -9.08 -26.10
N LEU A 226 2.62 -10.22 -25.57
CA LEU A 226 2.88 -11.40 -26.39
C LEU A 226 1.68 -11.73 -27.26
N ARG A 227 0.50 -11.70 -26.66
CA ARG A 227 -0.75 -11.97 -27.38
C ARG A 227 -1.01 -10.84 -28.38
N LYS A 228 -0.54 -9.64 -28.05
CA LYS A 228 -0.71 -8.48 -28.94
C LYS A 228 0.26 -8.65 -30.09
N HIS A 229 1.44 -9.16 -29.79
CA HIS A 229 2.48 -9.37 -30.79
C HIS A 229 2.29 -10.62 -31.64
N TYR A 230 2.17 -11.78 -31.00
CA TYR A 230 2.01 -13.03 -31.73
C TYR A 230 0.58 -13.27 -32.19
N GLY A 231 -0.39 -12.66 -31.50
CA GLY A 231 -1.76 -12.87 -31.91
C GLY A 231 -2.55 -13.82 -31.02
N ASP A 232 -3.87 -13.59 -31.01
CA ASP A 232 -4.82 -14.39 -30.23
C ASP A 232 -4.67 -15.90 -30.35
N ALA A 233 -4.62 -16.42 -31.57
CA ALA A 233 -4.53 -17.85 -31.77
C ALA A 233 -3.26 -18.46 -31.19
N VAL A 234 -2.24 -17.63 -31.01
CA VAL A 234 -0.98 -18.11 -30.47
C VAL A 234 -0.91 -17.98 -28.94
N VAL A 235 -1.39 -16.85 -28.43
CA VAL A 235 -1.37 -16.62 -26.99
C VAL A 235 -2.77 -16.27 -26.55
N SER A 236 -3.35 -17.12 -25.72
CA SER A 236 -4.71 -16.88 -25.26
C SER A 236 -4.70 -16.05 -23.99
N GLU A 237 -5.76 -15.28 -23.78
CA GLU A 237 -5.90 -14.48 -22.56
C GLU A 237 -6.41 -15.46 -21.51
N THR A 238 -6.08 -15.22 -20.25
CA THR A 238 -6.51 -16.10 -19.16
C THR A 238 -5.92 -17.51 -19.14
N GLY A 239 -5.21 -17.89 -20.19
CA GLY A 239 -4.58 -19.21 -20.21
C GLY A 239 -3.12 -19.11 -19.81
N PRO A 240 -2.43 -20.22 -19.48
CA PRO A 240 -1.01 -20.10 -19.10
C PRO A 240 -0.17 -19.72 -20.33
N ILE A 241 0.86 -18.91 -20.13
CA ILE A 241 1.72 -18.48 -21.22
C ILE A 241 2.47 -19.62 -21.89
N PRO A 242 2.40 -19.69 -23.22
CA PRO A 242 3.10 -20.74 -23.96
C PRO A 242 4.61 -20.49 -23.78
N MET A 243 5.25 -21.33 -22.96
CA MET A 243 6.67 -21.19 -22.73
C MET A 243 7.28 -21.48 -24.10
N HIS A 244 8.37 -20.79 -24.43
CA HIS A 244 9.10 -20.94 -25.69
C HIS A 244 8.98 -19.64 -26.45
N LEU A 245 8.11 -18.77 -25.96
CA LEU A 245 7.89 -17.43 -26.50
C LEU A 245 8.45 -16.48 -25.42
N LEU A 246 9.01 -17.05 -24.35
CA LEU A 246 9.57 -16.27 -23.25
C LEU A 246 11.10 -16.10 -23.32
N GLY A 247 11.66 -16.45 -24.49
CA GLY A 247 13.08 -16.31 -24.74
C GLY A 247 14.08 -17.16 -23.98
N ASN A 248 13.59 -18.16 -23.26
CA ASN A 248 14.46 -19.02 -22.47
C ASN A 248 13.88 -20.44 -22.45
N MET A 249 14.71 -21.40 -22.81
CA MET A 249 14.35 -22.82 -22.88
C MET A 249 13.57 -23.37 -21.68
N TRP A 250 13.74 -22.76 -20.51
CA TRP A 250 13.04 -23.21 -19.30
C TRP A 250 12.13 -22.09 -18.79
N ALA A 251 12.11 -20.99 -19.52
CA ALA A 251 11.30 -19.83 -19.16
C ALA A 251 11.61 -19.38 -17.72
N GLN A 252 12.84 -19.57 -17.29
CA GLN A 252 13.24 -19.17 -15.94
C GLN A 252 13.53 -17.65 -15.85
N GLN A 253 13.80 -17.01 -16.97
CA GLN A 253 14.07 -15.56 -17.03
C GLN A 253 13.57 -15.08 -18.37
N TRP A 254 12.93 -13.92 -18.42
CA TRP A 254 12.36 -13.40 -19.66
C TRP A 254 13.01 -12.18 -20.31
N SER A 255 14.06 -11.61 -19.71
CA SER A 255 14.68 -10.40 -20.28
C SER A 255 15.00 -10.49 -21.79
N GLU A 256 15.30 -11.69 -22.27
CA GLU A 256 15.60 -11.89 -23.67
C GLU A 256 14.51 -11.40 -24.63
N ILE A 257 13.26 -11.31 -24.19
CA ILE A 257 12.24 -10.81 -25.10
C ILE A 257 11.82 -9.40 -24.77
N ALA A 258 12.69 -8.65 -24.11
CA ALA A 258 12.38 -7.27 -23.75
C ALA A 258 12.05 -6.38 -24.94
N ASP A 259 12.59 -6.70 -26.11
CA ASP A 259 12.32 -5.88 -27.30
C ASP A 259 10.85 -5.85 -27.72
N ILE A 260 10.10 -6.92 -27.48
CA ILE A 260 8.69 -6.94 -27.87
C ILE A 260 7.77 -6.79 -26.66
N VAL A 261 8.35 -6.75 -25.47
CA VAL A 261 7.57 -6.70 -24.24
C VAL A 261 7.84 -5.53 -23.26
N SER A 262 8.75 -4.63 -23.60
CA SER A 262 9.05 -3.51 -22.71
C SER A 262 8.01 -2.38 -22.72
N PRO A 263 7.75 -1.80 -21.53
CA PRO A 263 6.81 -0.71 -21.27
C PRO A 263 6.89 0.44 -22.27
N PHE A 264 8.11 0.93 -22.49
CA PHE A 264 8.36 2.04 -23.40
C PHE A 264 9.36 1.63 -24.46
N PRO A 265 8.89 1.01 -25.55
CA PRO A 265 9.78 0.59 -26.63
C PRO A 265 10.50 1.78 -27.27
N GLU A 266 9.88 2.96 -27.19
CA GLU A 266 10.48 4.16 -27.76
C GLU A 266 11.64 4.67 -26.89
N LYS A 267 11.61 4.33 -25.61
CA LYS A 267 12.66 4.74 -24.68
C LYS A 267 13.79 3.70 -24.73
N PRO A 268 14.98 4.08 -24.26
CA PRO A 268 16.11 3.14 -24.28
C PRO A 268 15.95 1.90 -23.40
N LEU A 269 16.48 0.79 -23.90
CA LEU A 269 16.44 -0.49 -23.18
C LEU A 269 17.86 -0.98 -23.05
N VAL A 270 18.48 -0.83 -21.89
CA VAL A 270 19.86 -1.27 -21.72
C VAL A 270 20.10 -2.64 -22.33
N ASP A 271 20.78 -2.62 -23.47
CA ASP A 271 21.16 -3.81 -24.25
C ASP A 271 22.61 -3.50 -24.60
N VAL A 272 23.51 -3.70 -23.65
CA VAL A 272 24.91 -3.40 -23.87
C VAL A 272 25.62 -4.38 -24.81
N SER A 273 24.95 -5.47 -25.18
CA SER A 273 25.55 -6.47 -26.06
C SER A 273 26.18 -5.85 -27.31
N ALA A 274 25.39 -5.09 -28.05
CA ALA A 274 25.88 -4.47 -29.29
C ALA A 274 27.14 -3.62 -29.09
N GLU A 275 27.17 -2.79 -28.05
CA GLU A 275 28.33 -1.94 -27.78
C GLU A 275 29.55 -2.75 -27.40
N MET A 276 29.32 -3.81 -26.62
CA MET A 276 30.42 -4.67 -26.21
C MET A 276 31.06 -5.21 -27.48
N GLU A 277 30.21 -5.64 -28.41
CA GLU A 277 30.66 -6.21 -29.67
C GLU A 277 31.32 -5.18 -30.58
N LYS A 278 30.69 -4.02 -30.74
CA LYS A 278 31.27 -2.98 -31.59
C LYS A 278 32.55 -2.45 -30.99
N GLN A 279 32.71 -2.62 -29.68
CA GLN A 279 33.91 -2.13 -29.00
C GLN A 279 35.05 -3.15 -28.92
N ALA A 280 34.87 -4.28 -29.58
CA ALA A 280 35.89 -5.33 -29.60
C ALA A 280 36.06 -6.09 -28.27
N TYR A 281 35.02 -6.12 -27.46
CA TYR A 281 35.08 -6.83 -26.18
C TYR A 281 35.35 -8.32 -26.42
N THR A 282 36.14 -8.93 -25.54
CA THR A 282 36.44 -10.36 -25.62
C THR A 282 36.22 -11.00 -24.24
N PRO A 283 36.14 -12.34 -24.19
CA PRO A 283 35.92 -13.00 -22.90
C PRO A 283 36.98 -12.57 -21.90
N LEU A 284 38.24 -12.53 -22.34
CA LEU A 284 39.34 -12.13 -21.47
C LEU A 284 39.09 -10.75 -20.89
N LYS A 285 38.67 -9.82 -21.73
CA LYS A 285 38.39 -8.46 -21.27
C LYS A 285 37.31 -8.51 -20.19
N MET A 286 36.24 -9.27 -20.47
CA MET A 286 35.13 -9.41 -19.53
C MET A 286 35.58 -9.94 -18.16
N PHE A 287 36.46 -10.94 -18.16
CA PHE A 287 36.94 -11.49 -16.90
C PHE A 287 37.77 -10.46 -16.16
N GLN A 288 38.54 -9.67 -16.90
CA GLN A 288 39.38 -8.65 -16.30
C GLN A 288 38.52 -7.56 -15.68
N MET A 289 37.39 -7.24 -16.32
CA MET A 289 36.50 -6.23 -15.76
C MET A 289 36.00 -6.79 -14.44
N GLY A 290 35.54 -8.03 -14.48
CA GLY A 290 35.04 -8.66 -13.28
C GLY A 290 36.08 -8.59 -12.18
N ASP A 291 37.32 -8.92 -12.52
CA ASP A 291 38.42 -8.91 -11.56
C ASP A 291 38.60 -7.53 -10.94
N ASP A 292 38.58 -6.49 -11.77
CA ASP A 292 38.73 -5.11 -11.30
C ASP A 292 37.65 -4.69 -10.31
N PHE A 293 36.43 -5.13 -10.54
CA PHE A 293 35.34 -4.78 -9.62
C PHE A 293 35.66 -5.26 -8.20
N PHE A 294 36.17 -6.48 -8.07
CA PHE A 294 36.50 -7.01 -6.76
C PHE A 294 37.63 -6.26 -6.08
N THR A 295 38.72 -6.06 -6.79
CA THR A 295 39.85 -5.36 -6.20
C THR A 295 39.48 -3.91 -5.85
N SER A 296 38.64 -3.29 -6.68
CA SER A 296 38.24 -1.92 -6.43
C SER A 296 37.49 -1.80 -5.09
N MET A 297 37.04 -2.94 -4.58
CA MET A 297 36.33 -3.00 -3.30
C MET A 297 37.28 -3.45 -2.19
N ASN A 298 38.56 -3.57 -2.55
CA ASN A 298 39.62 -4.00 -1.64
C ASN A 298 39.53 -5.52 -1.38
N LEU A 299 38.86 -6.22 -2.30
CA LEU A 299 38.70 -7.66 -2.24
C LEU A 299 39.85 -8.30 -3.04
N THR A 300 40.01 -9.61 -2.88
CA THR A 300 41.10 -10.36 -3.50
C THR A 300 41.18 -10.45 -5.01
N LYS A 301 42.39 -10.21 -5.52
CA LYS A 301 42.65 -10.26 -6.96
C LYS A 301 42.76 -11.72 -7.38
N LEU A 302 42.39 -12.00 -8.62
CA LEU A 302 42.45 -13.36 -9.15
C LEU A 302 43.91 -13.81 -9.16
N PRO A 303 44.18 -15.02 -8.62
CA PRO A 303 45.55 -15.55 -8.58
C PRO A 303 46.06 -15.96 -9.95
N GLN A 304 47.36 -16.25 -10.06
CA GLN A 304 47.96 -16.63 -11.33
C GLN A 304 47.44 -17.94 -11.91
N ASP A 305 47.12 -18.91 -11.05
CA ASP A 305 46.59 -20.20 -11.51
C ASP A 305 45.27 -20.03 -12.26
N PHE A 306 44.49 -19.03 -11.84
CA PHE A 306 43.21 -18.78 -12.48
C PHE A 306 43.36 -18.44 -13.96
N TRP A 307 44.25 -17.51 -14.29
CA TRP A 307 44.43 -17.15 -15.69
C TRP A 307 45.11 -18.25 -16.50
N ASP A 308 46.03 -19.00 -15.90
CA ASP A 308 46.71 -20.06 -16.63
C ASP A 308 45.81 -21.29 -16.84
N LYS A 309 45.11 -21.69 -15.78
CA LYS A 309 44.28 -22.88 -15.83
C LYS A 309 42.80 -22.75 -16.17
N SER A 310 42.30 -21.56 -16.43
CA SER A 310 40.87 -21.43 -16.75
C SER A 310 40.56 -21.61 -18.23
N ILE A 311 39.33 -22.01 -18.51
CA ILE A 311 38.86 -22.18 -19.89
C ILE A 311 37.70 -21.20 -20.07
N ILE A 312 38.03 -20.00 -20.54
CA ILE A 312 37.03 -18.94 -20.70
C ILE A 312 36.39 -18.79 -22.08
N GLU A 313 36.67 -19.73 -22.98
CA GLU A 313 36.09 -19.70 -24.32
C GLU A 313 35.90 -21.14 -24.77
N LYS A 314 34.81 -21.41 -25.49
CA LYS A 314 34.50 -22.75 -25.96
C LYS A 314 35.55 -23.34 -26.87
N PRO A 315 36.13 -24.49 -26.50
CA PRO A 315 37.16 -25.17 -27.30
C PRO A 315 36.80 -25.23 -28.78
N THR A 316 37.79 -25.00 -29.62
CA THR A 316 37.62 -24.98 -31.06
C THR A 316 37.61 -26.35 -31.74
N ASP A 317 38.09 -27.37 -31.05
CA ASP A 317 38.11 -28.72 -31.61
C ASP A 317 36.73 -29.35 -31.49
N GLY A 318 36.56 -30.54 -32.06
CA GLY A 318 35.27 -31.19 -32.04
C GLY A 318 35.04 -32.07 -30.83
N ARG A 319 35.69 -31.73 -29.72
CA ARG A 319 35.56 -32.54 -28.51
C ARG A 319 34.26 -32.20 -27.78
N ASP A 320 33.80 -33.16 -26.96
CA ASP A 320 32.59 -32.95 -26.18
C ASP A 320 33.03 -32.53 -24.80
N LEU A 321 32.28 -31.61 -24.22
CA LEU A 321 32.60 -31.10 -22.91
C LEU A 321 31.31 -30.61 -22.29
N VAL A 322 31.38 -30.14 -21.05
CA VAL A 322 30.23 -29.59 -20.38
C VAL A 322 30.48 -28.09 -20.42
N CYS A 323 29.59 -27.33 -21.04
CA CYS A 323 29.88 -25.91 -21.07
C CYS A 323 29.01 -25.03 -20.21
N HIS A 324 28.20 -25.67 -19.37
CA HIS A 324 27.33 -24.94 -18.45
C HIS A 324 28.29 -24.27 -17.47
N ALA A 325 28.43 -22.95 -17.58
CA ALA A 325 29.34 -22.16 -16.75
C ALA A 325 29.39 -22.65 -15.32
N SER A 326 30.57 -22.61 -14.73
CA SER A 326 30.75 -23.06 -13.36
C SER A 326 32.14 -22.66 -12.84
N ALA A 327 32.28 -22.61 -11.50
CA ALA A 327 33.54 -22.23 -10.85
C ALA A 327 34.11 -23.37 -9.96
N TRP A 328 35.43 -23.56 -9.98
CA TRP A 328 36.05 -24.66 -9.23
C TRP A 328 37.10 -24.34 -8.15
N ASP A 329 36.92 -24.95 -6.99
CA ASP A 329 37.85 -24.79 -5.87
C ASP A 329 38.69 -26.09 -5.81
N PHE A 330 39.98 -25.97 -6.11
CA PHE A 330 40.85 -27.14 -6.10
C PHE A 330 41.44 -27.50 -4.74
N TYR A 331 40.97 -26.82 -3.71
CA TYR A 331 41.36 -27.07 -2.33
C TYR A 331 42.85 -27.10 -2.02
N LEU A 332 43.55 -26.08 -2.49
CA LEU A 332 44.96 -25.94 -2.23
C LEU A 332 45.03 -24.48 -1.80
N ILE A 333 45.99 -23.76 -2.31
CA ILE A 333 46.11 -22.36 -1.99
C ILE A 333 46.28 -21.64 -3.31
N ASP A 334 45.23 -20.91 -3.70
CA ASP A 334 45.21 -20.14 -4.93
C ASP A 334 44.93 -20.90 -6.23
N ASP A 335 44.59 -22.18 -6.15
CA ASP A 335 44.28 -22.91 -7.37
C ASP A 335 42.77 -22.91 -7.57
N VAL A 336 42.27 -21.88 -8.23
CA VAL A 336 40.84 -21.74 -8.49
C VAL A 336 40.63 -21.46 -9.96
N ARG A 337 39.64 -22.11 -10.56
CA ARG A 337 39.39 -21.92 -12.00
C ARG A 337 37.94 -21.91 -12.39
N ILE A 338 37.66 -21.18 -13.47
CA ILE A 338 36.32 -21.08 -14.03
C ILE A 338 36.32 -21.76 -15.40
N LYS A 339 35.20 -22.33 -15.78
CA LYS A 339 35.07 -22.97 -17.09
C LYS A 339 33.78 -22.42 -17.64
N GLN A 340 33.90 -21.55 -18.64
CA GLN A 340 32.73 -20.93 -19.23
C GLN A 340 32.91 -20.73 -20.72
N CYS A 341 31.89 -21.09 -21.49
CA CYS A 341 31.88 -20.93 -22.94
C CYS A 341 31.38 -19.52 -23.17
N THR A 342 32.05 -18.56 -22.57
CA THR A 342 31.64 -17.17 -22.67
C THR A 342 31.46 -16.62 -24.08
N ARG A 343 30.44 -15.77 -24.21
CA ARG A 343 30.09 -15.07 -25.44
C ARG A 343 29.98 -13.59 -25.03
N VAL A 344 30.20 -12.67 -25.97
CA VAL A 344 30.11 -11.25 -25.66
C VAL A 344 28.67 -10.73 -25.72
N THR A 345 28.02 -10.75 -24.56
CA THR A 345 26.65 -10.27 -24.43
C THR A 345 26.51 -9.88 -22.99
N GLN A 346 25.57 -8.99 -22.72
CA GLN A 346 25.33 -8.51 -21.37
C GLN A 346 25.01 -9.65 -20.37
N ASP A 347 24.22 -10.63 -20.79
CA ASP A 347 23.85 -11.76 -19.94
C ASP A 347 25.10 -12.54 -19.56
N GLN A 348 25.95 -12.83 -20.53
CA GLN A 348 27.19 -13.56 -20.27
C GLN A 348 28.06 -12.76 -19.31
N LEU A 349 27.98 -11.44 -19.40
CA LEU A 349 28.77 -10.56 -18.55
C LEU A 349 28.32 -10.72 -17.08
N PHE A 350 27.01 -10.88 -16.87
CA PHE A 350 26.46 -11.07 -15.52
C PHE A 350 26.94 -12.45 -15.05
N THR A 351 26.82 -13.43 -15.92
CA THR A 351 27.27 -14.77 -15.59
C THR A 351 28.75 -14.75 -15.15
N VAL A 352 29.57 -14.01 -15.89
CA VAL A 352 30.97 -13.93 -15.53
C VAL A 352 31.12 -13.48 -14.09
N HIS A 353 30.33 -12.48 -13.68
CA HIS A 353 30.40 -11.97 -12.31
C HIS A 353 29.86 -12.98 -11.32
N HIS A 354 28.82 -13.71 -11.73
CA HIS A 354 28.24 -14.74 -10.86
C HIS A 354 29.35 -15.73 -10.48
N GLU A 355 29.99 -16.31 -11.50
CA GLU A 355 31.04 -17.28 -11.23
C GLU A 355 32.18 -16.72 -10.37
N LEU A 356 32.62 -15.48 -10.66
CA LEU A 356 33.69 -14.88 -9.85
C LEU A 356 33.21 -14.74 -8.40
N GLY A 357 31.90 -14.69 -8.21
CA GLY A 357 31.38 -14.59 -6.85
C GLY A 357 31.86 -15.84 -6.14
N HIS A 358 31.73 -16.97 -6.80
CA HIS A 358 32.15 -18.23 -6.21
C HIS A 358 33.66 -18.23 -5.95
N ILE A 359 34.42 -17.78 -6.94
CA ILE A 359 35.88 -17.74 -6.84
C ILE A 359 36.32 -16.89 -5.66
N GLN A 360 35.67 -15.74 -5.49
CA GLN A 360 36.03 -14.85 -4.41
C GLN A 360 35.81 -15.58 -3.11
N TYR A 361 34.63 -16.18 -2.98
CA TYR A 361 34.28 -16.91 -1.78
C TYR A 361 35.36 -17.98 -1.48
N PHE A 362 35.87 -18.61 -2.54
CA PHE A 362 36.89 -19.64 -2.37
C PHE A 362 38.13 -19.08 -1.70
N LEU A 363 38.64 -18.00 -2.27
CA LEU A 363 39.84 -17.34 -1.75
C LEU A 363 39.60 -16.83 -0.34
N GLN A 364 38.46 -16.19 -0.13
CA GLN A 364 38.13 -15.63 1.16
C GLN A 364 38.17 -16.64 2.31
N TYR A 365 37.80 -17.90 2.06
CA TYR A 365 37.80 -18.86 3.15
C TYR A 365 38.84 -19.99 3.05
N GLN A 366 39.74 -19.81 2.11
CA GLN A 366 40.80 -20.77 1.85
C GLN A 366 41.51 -21.27 3.11
N HIS A 367 41.86 -20.33 4.01
CA HIS A 367 42.56 -20.61 5.25
C HIS A 367 41.79 -21.44 6.28
N GLN A 368 40.48 -21.61 6.07
CA GLN A 368 39.63 -22.37 6.99
C GLN A 368 39.86 -23.88 6.92
N PRO A 369 39.49 -24.62 7.98
CA PRO A 369 39.68 -26.08 7.96
C PRO A 369 38.86 -26.62 6.79
N PHE A 370 39.39 -27.59 6.05
CA PHE A 370 38.66 -28.12 4.92
C PHE A 370 37.14 -28.15 5.11
N VAL A 371 36.68 -28.83 6.15
CA VAL A 371 35.25 -28.95 6.39
C VAL A 371 34.52 -27.60 6.33
N TYR A 372 35.18 -26.54 6.76
CA TYR A 372 34.57 -25.22 6.71
C TYR A 372 34.86 -24.50 5.40
N ARG A 373 35.52 -25.17 4.45
CA ARG A 373 35.79 -24.50 3.19
C ARG A 373 34.65 -24.69 2.20
N THR A 374 33.48 -24.13 2.56
CA THR A 374 32.27 -24.19 1.77
C THR A 374 31.54 -22.93 2.17
N GLY A 375 30.44 -22.60 1.50
CA GLY A 375 29.72 -21.39 1.86
C GLY A 375 28.84 -21.55 3.09
N ALA A 376 28.52 -20.43 3.75
CA ALA A 376 27.64 -20.51 4.93
C ALA A 376 26.28 -20.62 4.28
N ASN A 377 25.65 -21.79 4.33
CA ASN A 377 24.35 -21.88 3.67
C ASN A 377 24.66 -21.83 2.16
N PRO A 378 24.09 -22.77 1.38
CA PRO A 378 24.31 -22.81 -0.08
C PRO A 378 23.90 -21.54 -0.79
N GLY A 379 22.88 -20.89 -0.26
CA GLY A 379 22.38 -19.67 -0.86
C GLY A 379 23.39 -18.53 -0.91
N PHE A 380 24.21 -18.43 0.13
CA PHE A 380 25.23 -17.40 0.21
C PHE A 380 26.25 -17.52 -0.89
N HIS A 381 26.55 -18.74 -1.30
CA HIS A 381 27.55 -18.93 -2.34
C HIS A 381 27.03 -18.41 -3.66
N GLU A 382 25.74 -18.58 -3.91
CA GLU A 382 25.13 -18.13 -5.15
C GLU A 382 24.89 -16.62 -5.23
N ALA A 383 24.79 -15.95 -4.10
CA ALA A 383 24.47 -14.52 -4.09
C ALA A 383 25.63 -13.51 -4.28
N VAL A 384 26.85 -13.89 -3.89
CA VAL A 384 27.99 -13.00 -4.00
C VAL A 384 28.08 -12.34 -5.36
N GLY A 385 28.40 -13.14 -6.37
CA GLY A 385 28.52 -12.60 -7.71
C GLY A 385 27.31 -11.80 -8.17
N ASP A 386 26.11 -12.22 -7.76
CA ASP A 386 24.91 -11.53 -8.18
C ASP A 386 24.81 -10.11 -7.63
N VAL A 387 25.42 -9.88 -6.48
CA VAL A 387 25.39 -8.56 -5.90
C VAL A 387 26.18 -7.58 -6.77
N LEU A 388 27.31 -8.02 -7.33
CA LEU A 388 28.09 -7.15 -8.20
C LEU A 388 27.31 -6.96 -9.50
N SER A 389 26.74 -8.05 -10.02
CA SER A 389 25.98 -7.98 -11.26
C SER A 389 24.85 -6.95 -11.19
N LEU A 390 24.21 -6.83 -10.05
CA LEU A 390 23.16 -5.85 -9.91
C LEU A 390 23.78 -4.44 -10.12
N SER A 391 24.91 -4.19 -9.47
CA SER A 391 25.59 -2.89 -9.62
C SER A 391 25.99 -2.63 -11.07
N VAL A 392 26.60 -3.64 -11.70
CA VAL A 392 27.05 -3.56 -13.08
C VAL A 392 25.91 -3.28 -14.05
N SER A 393 24.71 -3.71 -13.71
CA SER A 393 23.55 -3.54 -14.56
C SER A 393 22.96 -2.13 -14.55
N THR A 394 23.28 -1.35 -13.52
CA THR A 394 22.73 -0.01 -13.43
C THR A 394 23.24 0.91 -14.53
N PRO A 395 22.41 1.89 -14.94
CA PRO A 395 22.76 2.87 -15.97
C PRO A 395 23.96 3.66 -15.46
N LYS A 396 24.00 3.87 -14.14
CA LYS A 396 25.10 4.60 -13.52
C LYS A 396 26.47 3.97 -13.84
N HIS A 397 26.61 2.69 -13.52
CA HIS A 397 27.88 2.00 -13.77
C HIS A 397 28.18 1.74 -15.24
N LEU A 398 27.14 1.50 -16.02
CA LEU A 398 27.34 1.22 -17.44
C LEU A 398 27.74 2.49 -18.18
N GLU A 399 27.30 3.64 -17.70
CA GLU A 399 27.65 4.89 -18.34
C GLU A 399 29.10 5.18 -17.98
N LYS A 400 29.46 4.94 -16.73
CA LYS A 400 30.82 5.18 -16.25
C LYS A 400 31.89 4.39 -17.02
N ILE A 401 31.56 3.18 -17.47
CA ILE A 401 32.52 2.39 -18.22
C ILE A 401 32.32 2.54 -19.72
N GLY A 402 31.49 3.50 -20.12
CA GLY A 402 31.26 3.77 -21.52
C GLY A 402 30.46 2.79 -22.36
N LEU A 403 29.83 1.80 -21.73
CA LEU A 403 29.03 0.83 -22.47
C LEU A 403 27.59 1.31 -22.63
N LEU A 404 27.40 2.61 -22.43
CA LEU A 404 26.09 3.23 -22.55
C LEU A 404 26.43 4.68 -22.91
N LYS A 405 26.73 4.92 -24.19
CA LYS A 405 27.13 6.24 -24.70
C LYS A 405 26.31 7.43 -24.17
N ASP A 406 25.03 7.50 -24.52
CA ASP A 406 24.20 8.58 -23.99
C ASP A 406 22.88 8.00 -23.50
N TYR A 407 22.55 8.34 -22.26
CA TYR A 407 21.36 7.82 -21.61
C TYR A 407 20.72 8.92 -20.76
N VAL A 408 19.39 8.96 -20.74
CA VAL A 408 18.65 9.94 -19.95
C VAL A 408 17.67 9.22 -19.02
N ARG A 409 17.71 9.52 -17.73
CA ARG A 409 16.84 8.88 -16.74
C ARG A 409 15.39 9.33 -16.82
N ASP A 410 14.96 9.78 -18.00
CA ASP A 410 13.59 10.23 -18.25
C ASP A 410 12.67 10.17 -17.04
N ASP A 411 12.24 8.95 -16.72
CA ASP A 411 11.31 8.67 -15.64
C ASP A 411 10.62 7.44 -16.22
N GLU A 412 9.95 7.67 -17.33
CA GLU A 412 9.27 6.60 -18.04
C GLU A 412 10.38 6.09 -18.96
N ALA A 413 11.40 5.56 -18.30
CA ALA A 413 12.61 5.02 -18.91
C ALA A 413 13.27 4.27 -17.75
N ARG A 414 12.91 4.70 -16.54
CA ARG A 414 13.39 4.10 -15.31
C ARG A 414 12.63 2.79 -15.17
N ILE A 415 11.44 2.79 -15.76
CA ILE A 415 10.54 1.65 -15.75
C ILE A 415 11.12 0.54 -16.63
N ASN A 416 11.79 0.94 -17.71
CA ASN A 416 12.41 0.00 -18.64
C ASN A 416 13.62 -0.68 -18.02
N GLN A 417 14.05 -0.17 -16.87
CA GLN A 417 15.21 -0.73 -16.18
C GLN A 417 14.76 -1.65 -15.05
N LEU A 418 13.76 -1.22 -14.30
CA LEU A 418 13.22 -2.00 -13.20
C LEU A 418 12.49 -3.23 -13.74
N PHE A 419 11.61 -2.99 -14.70
CA PHE A 419 10.83 -4.03 -15.34
C PHE A 419 11.74 -5.05 -16.02
N LEU A 420 12.81 -4.55 -16.63
CA LEU A 420 13.77 -5.40 -17.32
C LEU A 420 14.39 -6.34 -16.30
N THR A 421 14.63 -5.80 -15.12
CA THR A 421 15.24 -6.53 -14.01
C THR A 421 14.21 -7.46 -13.37
N ALA A 422 12.94 -7.13 -13.56
CA ALA A 422 11.86 -7.94 -13.01
C ALA A 422 11.65 -9.20 -13.84
N LEU A 423 12.23 -9.23 -15.03
CA LEU A 423 12.11 -10.38 -15.91
C LEU A 423 13.17 -11.43 -15.57
N ASP A 424 14.13 -11.05 -14.72
CA ASP A 424 15.20 -11.95 -14.31
C ASP A 424 15.14 -12.32 -12.84
N LYS A 425 14.92 -11.33 -11.99
CA LYS A 425 14.88 -11.52 -10.54
C LYS A 425 13.52 -11.92 -9.92
N ILE A 426 12.43 -11.35 -10.40
CA ILE A 426 11.13 -11.69 -9.84
C ILE A 426 10.54 -12.93 -10.49
N VAL A 427 10.65 -12.99 -11.81
CA VAL A 427 10.13 -14.11 -12.58
C VAL A 427 10.76 -15.44 -12.17
N PHE A 428 12.03 -15.36 -11.80
CA PHE A 428 12.83 -16.51 -11.39
C PHE A 428 12.35 -17.19 -10.09
N LEU A 429 12.00 -16.39 -9.09
CA LEU A 429 11.58 -16.90 -7.79
C LEU A 429 10.69 -18.14 -7.82
N PRO A 430 9.52 -18.07 -8.49
CA PRO A 430 8.63 -19.24 -8.56
C PRO A 430 9.22 -20.39 -9.39
N PHE A 431 10.06 -20.05 -10.36
CA PHE A 431 10.69 -21.08 -11.20
C PHE A 431 11.60 -21.94 -10.32
N ALA A 432 12.47 -21.27 -9.59
CA ALA A 432 13.43 -21.93 -8.72
C ALA A 432 12.77 -22.73 -7.63
N PHE A 433 11.65 -22.21 -7.12
CA PHE A 433 10.92 -22.88 -6.06
C PHE A 433 10.33 -24.22 -6.56
N THR A 434 9.83 -24.23 -7.79
CA THR A 434 9.23 -25.45 -8.33
C THR A 434 10.25 -26.53 -8.65
N MET A 435 11.46 -26.12 -9.03
CA MET A 435 12.50 -27.10 -9.34
C MET A 435 12.70 -28.03 -8.13
N ASP A 436 12.83 -27.46 -6.94
CA ASP A 436 13.04 -28.30 -5.79
C ASP A 436 11.74 -28.83 -5.17
N LYS A 437 10.66 -28.07 -5.25
CA LYS A 437 9.40 -28.57 -4.72
C LYS A 437 9.11 -29.88 -5.48
N TYR A 438 9.45 -29.91 -6.77
CA TYR A 438 9.24 -31.09 -7.61
C TYR A 438 10.11 -32.27 -7.15
N ARG A 439 11.42 -32.05 -7.08
CA ARG A 439 12.34 -33.09 -6.67
C ARG A 439 12.10 -33.53 -5.22
N TRP A 440 11.52 -32.63 -4.41
CA TRP A 440 11.24 -32.97 -3.02
C TRP A 440 10.09 -33.97 -2.98
N SER A 441 9.05 -33.69 -3.75
CA SER A 441 7.86 -34.54 -3.80
C SER A 441 8.20 -35.95 -4.26
N LEU A 442 9.26 -36.11 -5.03
CA LEU A 442 9.66 -37.44 -5.47
C LEU A 442 10.48 -38.07 -4.34
N PHE A 443 11.48 -37.32 -3.86
CA PHE A 443 12.37 -37.76 -2.78
C PHE A 443 11.50 -38.27 -1.63
N ARG A 444 10.46 -37.50 -1.33
CA ARG A 444 9.48 -37.89 -0.34
C ARG A 444 8.64 -38.74 -1.28
N GLY A 445 8.15 -39.89 -0.86
CA GLY A 445 7.40 -40.69 -1.81
C GLY A 445 5.97 -40.24 -2.02
N GLU A 446 5.79 -38.95 -2.25
CA GLU A 446 4.47 -38.34 -2.43
C GLU A 446 3.84 -38.47 -3.82
N VAL A 447 4.63 -38.81 -4.83
CA VAL A 447 4.07 -38.91 -6.17
C VAL A 447 4.20 -40.31 -6.74
N ASP A 448 3.18 -40.72 -7.48
CA ASP A 448 3.17 -42.02 -8.11
C ASP A 448 3.98 -41.93 -9.40
N LYS A 449 4.75 -42.99 -9.68
CA LYS A 449 5.58 -43.04 -10.87
C LYS A 449 4.80 -42.74 -12.14
N ALA A 450 3.55 -43.15 -12.15
CA ALA A 450 2.65 -42.95 -13.29
C ALA A 450 2.26 -41.48 -13.52
N ASN A 451 2.57 -40.63 -12.53
CA ASN A 451 2.21 -39.22 -12.63
C ASN A 451 3.44 -38.30 -12.54
N TRP A 452 4.62 -38.89 -12.69
CA TRP A 452 5.88 -38.14 -12.60
C TRP A 452 6.02 -36.97 -13.56
N ASN A 453 5.68 -37.14 -14.83
CA ASN A 453 5.85 -36.01 -15.74
C ASN A 453 4.78 -34.91 -15.58
N CYS A 454 3.57 -35.29 -15.20
CA CYS A 454 2.53 -34.29 -15.03
C CYS A 454 2.64 -33.54 -13.71
N ALA A 455 3.19 -34.21 -12.71
CA ALA A 455 3.36 -33.58 -11.42
C ALA A 455 4.28 -32.36 -11.66
N PHE A 456 5.25 -32.54 -12.54
CA PHE A 456 6.19 -31.47 -12.90
C PHE A 456 5.42 -30.26 -13.50
N TRP A 457 4.80 -30.46 -14.65
CA TRP A 457 4.07 -29.37 -15.30
C TRP A 457 2.95 -28.76 -14.49
N LYS A 458 2.32 -29.56 -13.64
CA LYS A 458 1.23 -29.02 -12.83
C LYS A 458 1.84 -27.97 -11.91
N LEU A 459 3.05 -28.28 -11.43
CA LEU A 459 3.78 -27.39 -10.54
C LEU A 459 4.25 -26.16 -11.30
N ARG A 460 4.67 -26.33 -12.55
CA ARG A 460 5.14 -25.19 -13.34
C ARG A 460 3.92 -24.30 -13.61
N ASP A 461 2.80 -24.97 -13.83
CA ASP A 461 1.54 -24.29 -14.08
C ASP A 461 1.13 -23.60 -12.79
N GLU A 462 0.94 -24.36 -11.72
CA GLU A 462 0.54 -23.76 -10.44
C GLU A 462 1.30 -22.50 -9.99
N TYR A 463 2.62 -22.57 -9.97
CA TYR A 463 3.41 -21.44 -9.50
C TYR A 463 3.86 -20.43 -10.56
N SER A 464 4.23 -20.87 -11.74
CA SER A 464 4.68 -19.92 -12.77
C SER A 464 3.68 -19.48 -13.85
N GLY A 465 2.55 -20.18 -13.98
CA GLY A 465 1.59 -19.78 -14.99
C GLY A 465 2.15 -20.01 -16.39
N ILE A 466 2.97 -21.04 -16.49
CA ILE A 466 3.61 -21.42 -17.74
C ILE A 466 3.22 -22.85 -18.09
N GLU A 467 3.28 -23.16 -19.39
CA GLU A 467 2.98 -24.49 -19.92
C GLU A 467 3.78 -24.73 -21.19
N PRO A 468 4.05 -26.01 -21.51
CA PRO A 468 4.79 -26.44 -22.70
C PRO A 468 4.10 -25.94 -23.98
N PRO A 469 4.88 -25.69 -25.03
CA PRO A 469 4.32 -25.20 -26.29
C PRO A 469 3.46 -26.26 -26.99
N VAL A 470 3.65 -27.52 -26.61
CA VAL A 470 2.92 -28.62 -27.21
C VAL A 470 2.47 -29.62 -26.10
N VAL A 471 1.52 -30.50 -26.41
CA VAL A 471 1.02 -31.45 -25.40
C VAL A 471 2.02 -32.55 -25.06
N ARG A 472 2.28 -32.75 -23.78
CA ARG A 472 3.18 -33.81 -23.34
C ARG A 472 2.34 -34.84 -22.60
N SER A 473 2.85 -36.06 -22.48
CA SER A 473 2.11 -37.11 -21.76
C SER A 473 3.06 -37.75 -20.77
N GLU A 474 2.60 -38.81 -20.11
CA GLU A 474 3.43 -39.48 -19.13
C GLU A 474 4.47 -40.29 -19.87
N LYS A 475 4.28 -40.36 -21.18
CA LYS A 475 5.21 -41.09 -22.04
C LYS A 475 6.50 -40.25 -22.08
N ASP A 476 6.36 -38.93 -21.97
CA ASP A 476 7.55 -38.07 -21.98
C ASP A 476 7.98 -37.85 -20.52
N PHE A 477 9.15 -37.24 -20.33
CA PHE A 477 9.67 -36.93 -19.01
C PHE A 477 10.59 -35.73 -19.19
N ASP A 478 10.08 -34.57 -18.83
CA ASP A 478 10.77 -33.32 -19.04
C ASP A 478 11.67 -32.65 -18.02
N ALA A 479 11.59 -33.01 -16.74
CA ALA A 479 12.44 -32.39 -15.73
C ALA A 479 13.95 -32.45 -16.02
N PRO A 480 14.42 -33.53 -16.64
CA PRO A 480 15.86 -33.60 -16.93
C PRO A 480 16.38 -32.59 -17.94
N ALA A 481 15.47 -31.95 -18.68
CA ALA A 481 15.90 -30.98 -19.69
C ALA A 481 16.58 -29.77 -19.05
N LYS A 482 16.43 -29.65 -17.74
CA LYS A 482 17.05 -28.57 -16.99
C LYS A 482 18.38 -29.06 -16.39
N TYR A 483 19.47 -28.51 -16.92
CA TYR A 483 20.82 -28.89 -16.51
C TYR A 483 20.88 -29.45 -15.09
N HIS A 484 20.51 -28.64 -14.11
CA HIS A 484 20.56 -29.03 -12.71
C HIS A 484 19.83 -30.32 -12.34
N ILE A 485 18.74 -30.64 -13.04
CA ILE A 485 18.03 -31.87 -12.72
C ILE A 485 18.89 -33.05 -13.17
N SER A 486 19.48 -32.92 -14.37
CA SER A 486 20.36 -33.95 -14.92
C SER A 486 21.69 -34.11 -14.17
N ALA A 487 22.21 -33.01 -13.62
CA ALA A 487 23.49 -33.00 -12.92
C ALA A 487 23.42 -33.18 -11.40
N ASP A 488 22.20 -33.33 -10.88
CA ASP A 488 21.99 -33.53 -9.45
C ASP A 488 22.56 -32.37 -8.64
N VAL A 489 22.15 -31.15 -8.97
CA VAL A 489 22.59 -29.95 -8.26
C VAL A 489 21.36 -29.31 -7.59
N GLU A 490 21.39 -29.23 -6.26
CA GLU A 490 20.26 -28.67 -5.50
C GLU A 490 19.92 -27.28 -6.06
N TYR A 491 18.62 -26.98 -6.16
CA TYR A 491 18.19 -25.72 -6.75
C TYR A 491 17.67 -24.64 -5.81
N LEU A 492 17.16 -25.03 -4.65
CA LEU A 492 16.64 -24.06 -3.68
C LEU A 492 17.66 -22.96 -3.41
N ARG A 493 18.94 -23.28 -3.60
CA ARG A 493 20.03 -22.34 -3.38
C ARG A 493 19.85 -21.04 -4.16
N TYR A 494 19.27 -21.15 -5.36
CA TYR A 494 19.05 -19.99 -6.20
C TYR A 494 17.88 -19.15 -5.70
N LEU A 495 16.89 -19.81 -5.13
CA LEU A 495 15.73 -19.11 -4.63
C LEU A 495 16.12 -18.29 -3.42
N VAL A 496 17.04 -18.81 -2.61
CA VAL A 496 17.47 -18.09 -1.42
C VAL A 496 18.35 -16.92 -1.87
N SER A 497 19.20 -17.17 -2.85
CA SER A 497 20.07 -16.16 -3.43
C SER A 497 19.28 -14.96 -3.96
N PHE A 498 18.35 -15.19 -4.88
CA PHE A 498 17.60 -14.07 -5.43
C PHE A 498 16.86 -13.31 -4.35
N ILE A 499 16.78 -13.89 -3.16
CA ILE A 499 16.12 -13.19 -2.07
C ILE A 499 17.16 -12.44 -1.25
N ILE A 500 18.10 -13.17 -0.67
CA ILE A 500 19.12 -12.57 0.16
C ILE A 500 20.13 -11.68 -0.57
N GLN A 501 20.24 -11.81 -1.89
CA GLN A 501 21.22 -10.98 -2.60
C GLN A 501 20.79 -9.52 -2.53
N PHE A 502 19.49 -9.27 -2.49
CA PHE A 502 19.02 -7.89 -2.41
C PHE A 502 19.30 -7.34 -1.00
N GLN A 503 19.33 -8.23 -0.01
CA GLN A 503 19.65 -7.79 1.35
C GLN A 503 21.13 -7.38 1.34
N PHE A 504 21.98 -8.19 0.72
CA PHE A 504 23.40 -7.88 0.67
C PHE A 504 23.57 -6.56 -0.08
N TYR A 505 23.02 -6.50 -1.29
CA TYR A 505 23.10 -5.32 -2.14
C TYR A 505 22.64 -4.05 -1.40
N LYS A 506 21.46 -4.11 -0.79
CA LYS A 506 20.95 -2.94 -0.06
C LYS A 506 21.98 -2.46 0.95
N SER A 507 22.36 -3.33 1.87
CA SER A 507 23.32 -2.96 2.90
C SER A 507 24.63 -2.43 2.31
N ALA A 508 25.15 -3.11 1.31
CA ALA A 508 26.40 -2.69 0.69
C ALA A 508 26.27 -1.26 0.18
N CYS A 509 25.16 -1.00 -0.51
CA CYS A 509 24.90 0.32 -1.06
C CYS A 509 24.81 1.38 0.05
N ILE A 510 24.29 0.98 1.21
CA ILE A 510 24.19 1.88 2.36
C ILE A 510 25.58 2.12 2.96
N LYS A 511 26.36 1.05 3.11
CA LYS A 511 27.70 1.15 3.67
C LYS A 511 28.53 2.01 2.74
N ALA A 512 28.11 2.08 1.49
CA ALA A 512 28.77 2.93 0.51
C ALA A 512 27.88 4.17 0.62
N GLY A 513 28.19 5.25 -0.07
CA GLY A 513 27.31 6.42 0.05
C GLY A 513 26.35 6.47 -1.11
N GLN A 514 25.93 5.29 -1.56
CA GLN A 514 25.06 5.14 -2.71
C GLN A 514 23.57 5.04 -2.48
N TYR A 515 23.13 4.60 -1.31
CA TYR A 515 21.69 4.49 -1.10
C TYR A 515 21.14 5.14 0.16
N ASP A 516 20.18 6.03 -0.04
CA ASP A 516 19.52 6.76 1.04
C ASP A 516 18.02 6.70 0.82
N PRO A 517 17.31 6.00 1.70
CA PRO A 517 15.85 5.85 1.62
C PRO A 517 15.08 7.14 1.40
N ASP A 518 15.55 8.24 2.01
CA ASP A 518 14.87 9.53 1.90
C ASP A 518 15.29 10.42 0.74
N ASN A 519 16.57 10.39 0.38
CA ASN A 519 17.06 11.22 -0.69
C ASN A 519 16.87 10.66 -2.10
N VAL A 520 16.25 11.45 -2.96
CA VAL A 520 16.07 11.05 -4.35
C VAL A 520 17.43 11.26 -4.99
N GLU A 521 17.60 10.80 -6.22
CA GLU A 521 18.88 10.91 -6.90
C GLU A 521 19.88 9.92 -6.30
N LEU A 522 19.37 9.10 -5.39
CA LEU A 522 20.14 8.03 -4.75
C LEU A 522 19.21 6.83 -4.59
N PRO A 523 18.47 6.47 -5.66
CA PRO A 523 17.54 5.35 -5.61
C PRO A 523 18.27 4.02 -5.51
N LEU A 524 17.62 3.01 -4.92
CA LEU A 524 18.25 1.71 -4.78
C LEU A 524 18.63 1.15 -6.14
N ASP A 525 17.71 1.22 -7.09
CA ASP A 525 17.97 0.67 -8.41
C ASP A 525 19.02 1.38 -9.24
N ASN A 526 19.88 2.17 -8.61
CA ASN A 526 20.93 2.87 -9.35
C ASN A 526 22.26 3.06 -8.60
N CYS A 527 22.48 2.29 -7.52
CA CYS A 527 23.76 2.42 -6.82
C CYS A 527 24.77 1.49 -7.46
N ASP A 528 26.03 1.92 -7.51
CA ASP A 528 27.09 1.15 -8.15
C ASP A 528 28.05 0.37 -7.22
N ILE A 529 28.18 0.77 -5.96
CA ILE A 529 29.11 0.14 -5.00
C ILE A 529 30.47 -0.20 -5.58
N TYR A 530 30.68 0.03 -6.87
CA TYR A 530 31.98 -0.22 -7.45
C TYR A 530 32.93 0.68 -6.67
N GLY A 531 34.14 0.19 -6.42
CA GLY A 531 35.12 0.97 -5.69
C GLY A 531 34.84 1.17 -4.21
N SER A 532 33.87 0.45 -3.64
CA SER A 532 33.56 0.65 -2.22
C SER A 532 34.32 -0.22 -1.23
N ALA A 533 35.22 0.40 -0.47
CA ALA A 533 36.01 -0.31 0.53
C ALA A 533 35.20 -0.78 1.72
N ARG A 534 34.17 -0.02 2.09
CA ARG A 534 33.34 -0.38 3.23
C ARG A 534 32.42 -1.54 2.88
N ALA A 535 32.04 -1.65 1.60
CA ALA A 535 31.18 -2.74 1.17
C ALA A 535 32.08 -3.97 1.05
N GLY A 536 33.29 -3.76 0.54
CA GLY A 536 34.23 -4.86 0.42
C GLY A 536 34.55 -5.42 1.81
N ALA A 537 34.70 -4.52 2.78
CA ALA A 537 35.01 -4.92 4.16
C ALA A 537 33.91 -5.80 4.73
N ALA A 538 32.65 -5.41 4.50
CA ALA A 538 31.52 -6.20 4.98
C ALA A 538 31.60 -7.58 4.36
N PHE A 539 31.76 -7.62 3.04
CA PHE A 539 31.88 -8.86 2.30
C PHE A 539 33.00 -9.71 2.89
N HIS A 540 34.14 -9.07 3.18
CA HIS A 540 35.27 -9.79 3.76
C HIS A 540 34.93 -10.43 5.11
N ASN A 541 34.26 -9.70 5.99
CA ASN A 541 33.90 -10.24 7.29
C ASN A 541 33.03 -11.50 7.12
N MET A 542 32.03 -11.39 6.25
CA MET A 542 31.12 -12.51 6.02
C MET A 542 31.77 -13.70 5.31
N LEU A 543 32.40 -13.45 4.17
CA LEU A 543 33.01 -14.51 3.37
C LEU A 543 34.12 -15.32 4.04
N SER A 544 34.99 -14.64 4.77
CA SER A 544 36.11 -15.30 5.45
C SER A 544 35.69 -16.36 6.46
N MET A 545 34.45 -16.31 6.93
CA MET A 545 33.96 -17.28 7.91
C MET A 545 33.70 -18.68 7.37
N GLY A 546 33.45 -18.75 6.06
CA GLY A 546 33.17 -20.02 5.40
C GLY A 546 32.55 -21.18 6.16
N ALA A 547 31.26 -21.14 6.40
CA ALA A 547 30.62 -22.27 7.10
C ALA A 547 31.10 -22.60 8.51
N SER A 548 32.00 -21.78 9.08
CA SER A 548 32.49 -22.06 10.43
C SER A 548 31.39 -21.79 11.45
N LYS A 549 30.30 -21.21 10.99
CA LYS A 549 29.19 -20.89 11.88
C LYS A 549 27.89 -20.92 11.10
N PRO A 550 26.78 -21.23 11.77
CA PRO A 550 25.50 -21.26 11.06
C PRO A 550 25.33 -19.91 10.35
N TRP A 551 24.64 -19.91 9.21
CA TRP A 551 24.47 -18.69 8.42
C TRP A 551 23.95 -17.40 9.08
N PRO A 552 23.15 -17.50 10.16
CA PRO A 552 22.69 -16.24 10.75
C PRO A 552 23.85 -15.39 11.28
N ASP A 553 24.92 -16.07 11.70
CA ASP A 553 26.11 -15.40 12.22
C ASP A 553 26.92 -14.86 11.05
N ALA A 554 26.84 -15.52 9.91
CA ALA A 554 27.58 -15.07 8.73
C ALA A 554 26.94 -13.79 8.24
N LEU A 555 25.62 -13.78 8.21
CA LEU A 555 24.88 -12.59 7.77
C LEU A 555 25.13 -11.46 8.75
N GLU A 556 25.05 -11.78 10.04
CA GLU A 556 25.25 -10.80 11.10
C GLU A 556 26.60 -10.12 10.97
N ALA A 557 27.56 -10.87 10.45
CA ALA A 557 28.91 -10.34 10.25
C ALA A 557 28.87 -9.31 9.15
N PHE A 558 27.95 -9.48 8.22
CA PHE A 558 27.80 -8.56 7.09
C PHE A 558 27.13 -7.23 7.48
N ASN A 559 25.95 -7.31 8.10
CA ASN A 559 25.24 -6.08 8.48
C ASN A 559 24.51 -6.11 9.83
N GLY A 560 24.86 -7.04 10.71
CA GLY A 560 24.20 -7.08 12.01
C GLY A 560 22.80 -7.68 12.03
N GLU A 561 22.29 -8.09 10.88
CA GLU A 561 20.96 -8.70 10.82
C GLU A 561 21.11 -10.21 10.91
N ARG A 562 20.04 -10.91 11.26
CA ARG A 562 20.11 -12.36 11.38
C ARG A 562 18.94 -13.10 10.75
N ILE A 563 18.11 -12.39 10.01
CA ILE A 563 16.94 -13.02 9.39
C ILE A 563 16.87 -12.86 7.87
N MET A 564 16.37 -13.91 7.21
CA MET A 564 16.20 -13.92 5.76
C MET A 564 14.85 -13.27 5.56
N SER A 565 14.80 -12.26 4.70
CA SER A 565 13.54 -11.56 4.46
C SER A 565 13.43 -10.88 3.09
N GLY A 566 12.28 -10.27 2.83
CA GLY A 566 12.07 -9.58 1.58
C GLY A 566 12.05 -8.07 1.69
N LYS A 567 12.71 -7.53 2.72
CA LYS A 567 12.78 -6.09 2.91
C LYS A 567 13.87 -5.52 2.01
N ALA A 568 13.81 -5.86 0.73
CA ALA A 568 14.80 -5.39 -0.24
C ALA A 568 14.24 -5.38 -1.66
N ILE A 569 13.85 -6.55 -2.17
CA ILE A 569 13.29 -6.66 -3.51
C ILE A 569 12.04 -5.80 -3.60
N ALA A 570 11.17 -5.96 -2.61
CA ALA A 570 9.92 -5.22 -2.54
C ALA A 570 10.16 -3.74 -2.28
N GLU A 571 11.40 -3.40 -1.97
CA GLU A 571 11.79 -2.01 -1.71
C GLU A 571 12.60 -1.55 -2.92
N TYR A 572 12.92 -2.51 -3.77
CA TYR A 572 13.69 -2.28 -4.98
C TYR A 572 12.73 -2.06 -6.15
N PHE A 573 11.82 -3.02 -6.31
CA PHE A 573 10.81 -3.03 -7.36
C PHE A 573 9.51 -2.32 -7.01
N GLU A 574 9.47 -1.62 -5.88
CA GLU A 574 8.24 -0.92 -5.49
C GLU A 574 7.73 0.05 -6.57
N PRO A 575 8.60 0.96 -7.07
CA PRO A 575 8.13 1.87 -8.11
C PRO A 575 7.63 1.08 -9.32
N LEU A 576 8.26 -0.05 -9.60
CA LEU A 576 7.82 -0.83 -10.74
C LEU A 576 6.43 -1.37 -10.42
N ARG A 577 6.29 -1.95 -9.24
CA ARG A 577 5.02 -2.51 -8.83
C ARG A 577 3.86 -1.52 -8.89
N VAL A 578 4.08 -0.26 -8.50
CA VAL A 578 2.96 0.70 -8.54
C VAL A 578 2.65 1.09 -9.97
N TRP A 579 3.64 1.00 -10.86
CA TRP A 579 3.43 1.36 -12.25
C TRP A 579 2.59 0.31 -12.98
N LEU A 580 2.75 -0.95 -12.61
CA LEU A 580 2.01 -2.05 -13.24
C LEU A 580 0.52 -2.05 -12.91
N GLU A 581 0.20 -2.08 -11.61
CA GLU A 581 -1.19 -2.08 -11.17
C GLU A 581 -2.03 -1.05 -11.90
N ALA A 582 -1.40 0.05 -12.25
CA ALA A 582 -2.08 1.13 -12.98
C ALA A 582 -2.12 0.78 -14.46
N GLU A 583 -0.96 0.53 -15.05
CA GLU A 583 -0.87 0.15 -16.47
C GLU A 583 -1.77 -1.04 -16.84
N ASN A 584 -1.83 -2.05 -15.95
CA ASN A 584 -2.65 -3.23 -16.22
C ASN A 584 -4.14 -2.88 -16.27
N ILE A 585 -4.57 -1.97 -15.40
CA ILE A 585 -5.95 -1.53 -15.40
C ILE A 585 -6.22 -0.68 -16.63
N LYS A 586 -5.25 0.15 -17.01
CA LYS A 586 -5.39 1.01 -18.18
C LYS A 586 -5.54 0.22 -19.46
N ASN A 587 -4.94 -0.96 -19.53
CA ASN A 587 -5.07 -1.78 -20.72
C ASN A 587 -6.05 -2.90 -20.50
N ASN A 588 -6.67 -2.92 -19.33
CA ASN A 588 -7.64 -3.96 -18.98
C ASN A 588 -6.93 -5.30 -19.19
N VAL A 589 -5.88 -5.53 -18.41
CA VAL A 589 -5.09 -6.75 -18.51
C VAL A 589 -5.55 -7.84 -17.58
N HIS A 590 -5.86 -9.00 -18.13
CA HIS A 590 -6.31 -10.13 -17.32
C HIS A 590 -5.21 -10.66 -16.39
N ILE A 591 -5.55 -10.83 -15.10
CA ILE A 591 -4.61 -11.32 -14.11
C ILE A 591 -5.03 -12.69 -13.63
N GLY A 592 -4.06 -13.60 -13.54
CA GLY A 592 -4.35 -14.95 -13.11
C GLY A 592 -4.54 -15.84 -14.32
N TRP A 593 -4.64 -17.14 -14.10
CA TRP A 593 -4.80 -18.04 -15.23
C TRP A 593 -5.50 -19.32 -14.83
N ILE A 594 -6.19 -19.93 -15.80
CA ILE A 594 -6.90 -21.17 -15.58
C ILE A 594 -5.92 -22.32 -15.73
N THR A 595 -6.26 -23.49 -15.16
CA THR A 595 -5.34 -24.64 -15.22
C THR A 595 -5.03 -25.09 -16.65
N SER A 596 -3.78 -25.51 -16.85
CA SER A 596 -3.31 -25.94 -18.15
C SER A 596 -3.80 -27.32 -18.61
N ASN A 597 -3.93 -27.47 -19.91
CA ASN A 597 -4.36 -28.73 -20.53
C ASN A 597 -3.21 -29.35 -21.34
N LYS A 598 -1.97 -28.96 -21.04
CA LYS A 598 -0.83 -29.48 -21.80
C LYS A 598 -0.30 -30.86 -21.42
N CYS A 599 -0.64 -31.35 -20.22
CA CYS A 599 -0.19 -32.67 -19.78
C CYS A 599 -1.35 -33.67 -19.90
N VAL A 600 -1.13 -34.78 -20.59
CA VAL A 600 -2.17 -35.78 -20.77
C VAL A 600 -1.51 -37.16 -20.73
N SER A 601 -2.02 -38.09 -21.55
CA SER A 601 -1.50 -39.45 -21.66
C SER A 601 -1.75 -40.08 -23.05
N SER A 602 -1.42 -39.31 -24.10
CA SER A 602 -1.49 -39.69 -25.54
C SER A 602 -2.79 -39.59 -26.36
N HIS A 603 -2.61 -39.41 -27.68
CA HIS A 603 -3.69 -39.35 -28.67
C HIS A 603 -3.17 -39.21 -30.11
N HIS A 604 -3.60 -40.11 -31.00
CA HIS A 604 -3.15 -40.09 -32.40
C HIS A 604 -4.26 -40.15 -33.43
N HIS A 605 -3.96 -39.62 -34.62
CA HIS A 605 -4.90 -39.59 -35.74
C HIS A 605 -4.51 -40.59 -36.82
N HIS A 606 -3.85 -41.68 -36.46
CA HIS A 606 -3.46 -42.66 -37.47
C HIS A 606 -3.78 -44.12 -37.16
N HIS A 607 -4.35 -44.80 -38.15
CA HIS A 607 -4.72 -46.21 -38.06
C HIS A 607 -4.82 -46.80 -39.48
N ILE B 10 -11.77 7.08 -29.42
CA ILE B 10 -11.82 5.68 -28.89
C ILE B 10 -12.65 5.68 -27.60
N GLN B 11 -12.92 4.50 -27.05
CA GLN B 11 -13.72 4.41 -25.83
C GLN B 11 -12.92 4.26 -24.54
N ALA B 12 -13.02 5.29 -23.72
CA ALA B 12 -12.37 5.33 -22.43
C ALA B 12 -13.43 4.95 -21.41
N LYS B 13 -14.65 4.73 -21.89
CA LYS B 13 -15.73 4.36 -20.99
C LYS B 13 -15.39 3.04 -20.31
N GLU B 14 -14.93 2.08 -21.10
CA GLU B 14 -14.54 0.81 -20.53
C GLU B 14 -13.38 1.04 -19.55
N TYR B 15 -12.54 2.03 -19.85
CA TYR B 15 -11.43 2.36 -18.98
C TYR B 15 -11.95 2.87 -17.66
N LEU B 16 -12.74 3.95 -17.71
CA LEU B 16 -13.32 4.56 -16.53
C LEU B 16 -14.06 3.58 -15.66
N GLU B 17 -14.87 2.71 -16.27
CA GLU B 17 -15.60 1.71 -15.50
C GLU B 17 -14.62 0.86 -14.71
N ASN B 18 -13.61 0.36 -15.42
CA ASN B 18 -12.59 -0.46 -14.77
C ASN B 18 -11.88 0.34 -13.68
N LEU B 19 -11.54 1.59 -13.98
CA LEU B 19 -10.85 2.42 -13.00
C LEU B 19 -11.65 2.74 -11.74
N ASN B 20 -12.92 3.14 -11.90
CA ASN B 20 -13.73 3.47 -10.72
C ASN B 20 -13.89 2.27 -9.81
N LYS B 21 -14.04 1.10 -10.41
CA LYS B 21 -14.21 -0.12 -9.63
C LYS B 21 -12.97 -0.40 -8.81
N GLU B 22 -11.80 -0.05 -9.34
CA GLU B 22 -10.55 -0.28 -8.62
C GLU B 22 -10.41 0.77 -7.53
N LEU B 23 -10.72 2.01 -7.87
CA LEU B 23 -10.65 3.09 -6.90
C LEU B 23 -11.54 2.81 -5.70
N ALA B 24 -12.71 2.23 -5.94
CA ALA B 24 -13.62 1.93 -4.84
C ALA B 24 -13.03 0.84 -3.96
N LYS B 25 -12.51 -0.20 -4.58
CA LYS B 25 -11.90 -1.30 -3.85
C LYS B 25 -10.75 -0.76 -2.99
N ARG B 26 -9.94 0.12 -3.59
CA ARG B 26 -8.81 0.69 -2.86
C ARG B 26 -9.23 1.67 -1.79
N THR B 27 -10.23 2.49 -2.06
CA THR B 27 -10.67 3.43 -1.05
C THR B 27 -11.28 2.66 0.12
N ASN B 28 -11.90 1.52 -0.17
CA ASN B 28 -12.47 0.69 0.89
C ASN B 28 -11.35 0.37 1.88
N VAL B 29 -10.22 -0.09 1.37
CA VAL B 29 -9.09 -0.42 2.24
C VAL B 29 -8.63 0.79 3.06
N GLU B 30 -8.58 1.95 2.42
CA GLU B 30 -8.17 3.18 3.09
C GLU B 30 -9.18 3.52 4.16
N THR B 31 -10.46 3.42 3.80
CA THR B 31 -11.53 3.73 4.73
C THR B 31 -11.51 2.88 6.01
N GLU B 32 -11.24 1.58 5.87
CA GLU B 32 -11.17 0.69 7.04
C GLU B 32 -10.07 1.11 8.01
N ALA B 33 -8.94 1.55 7.48
CA ALA B 33 -7.83 1.99 8.33
C ALA B 33 -8.23 3.30 9.00
N ALA B 34 -8.87 4.19 8.25
CA ALA B 34 -9.32 5.45 8.84
C ALA B 34 -10.25 5.11 9.99
N TRP B 35 -11.17 4.19 9.73
CA TRP B 35 -12.15 3.78 10.74
C TRP B 35 -11.51 3.18 12.00
N ALA B 36 -10.51 2.33 11.81
CA ALA B 36 -9.86 1.69 12.94
C ALA B 36 -9.18 2.71 13.85
N TYR B 37 -8.45 3.63 13.22
CA TYR B 37 -7.74 4.66 13.95
C TYR B 37 -8.71 5.51 14.75
N ARG B 38 -9.67 6.07 14.04
CA ARG B 38 -10.66 6.94 14.64
C ARG B 38 -11.60 6.23 15.63
N SER B 39 -11.43 4.92 15.77
CA SER B 39 -12.24 4.14 16.69
C SER B 39 -11.36 3.71 17.87
N ALA B 40 -10.05 3.70 17.64
CA ALA B 40 -9.07 3.30 18.63
C ALA B 40 -7.76 3.95 18.22
N ILE B 41 -7.51 5.13 18.77
CA ILE B 41 -6.32 5.93 18.49
C ILE B 41 -5.02 5.33 19.04
N THR B 42 -4.23 4.70 18.17
CA THR B 42 -2.94 4.10 18.57
C THR B 42 -1.89 4.45 17.53
N ASP B 43 -0.63 4.60 17.96
CA ASP B 43 0.44 4.91 17.00
C ASP B 43 0.42 3.92 15.85
N GLU B 44 0.12 2.66 16.15
CA GLU B 44 0.10 1.61 15.13
C GLU B 44 -0.95 1.90 14.08
N ASN B 45 -2.18 2.10 14.53
CA ASN B 45 -3.30 2.40 13.65
C ASN B 45 -3.04 3.66 12.84
N GLU B 46 -2.43 4.65 13.49
CA GLU B 46 -2.11 5.90 12.82
C GLU B 46 -1.14 5.61 11.67
N LYS B 47 -0.15 4.75 11.91
CA LYS B 47 0.83 4.39 10.91
C LYS B 47 0.20 3.68 9.72
N LYS B 48 -0.59 2.64 9.99
CA LYS B 48 -1.24 1.92 8.89
C LYS B 48 -2.07 2.90 8.09
N LYS B 49 -2.87 3.67 8.80
CA LYS B 49 -3.76 4.68 8.24
C LYS B 49 -3.08 5.54 7.20
N ASN B 50 -2.00 6.24 7.59
CA ASN B 50 -1.29 7.08 6.62
C ASN B 50 -0.58 6.24 5.57
N GLU B 51 -0.10 5.07 5.97
CA GLU B 51 0.60 4.16 5.06
C GLU B 51 -0.28 3.86 3.86
N ILE B 52 -1.55 3.51 4.12
CA ILE B 52 -2.51 3.19 3.07
C ILE B 52 -2.72 4.41 2.18
N SER B 53 -2.94 5.56 2.79
CA SER B 53 -3.14 6.80 2.05
C SER B 53 -1.95 7.10 1.16
N ALA B 54 -0.74 6.86 1.67
CA ALA B 54 0.46 7.11 0.90
C ALA B 54 0.45 6.24 -0.34
N GLU B 55 0.07 4.96 -0.18
CA GLU B 55 0.03 4.08 -1.33
C GLU B 55 -0.99 4.54 -2.34
N LEU B 56 -2.23 4.77 -1.89
CA LEU B 56 -3.28 5.21 -2.78
C LEU B 56 -2.84 6.46 -3.55
N ALA B 57 -2.14 7.36 -2.86
CA ALA B 57 -1.65 8.58 -3.49
C ALA B 57 -0.69 8.32 -4.68
N LYS B 58 0.13 7.27 -4.59
CA LYS B 58 1.05 6.94 -5.69
C LYS B 58 0.26 6.36 -6.86
N PHE B 59 -0.76 5.58 -6.53
CA PHE B 59 -1.61 4.99 -7.56
C PHE B 59 -2.29 6.08 -8.38
N MET B 60 -2.82 7.10 -7.70
CA MET B 60 -3.50 8.20 -8.38
C MET B 60 -2.58 8.95 -9.31
N LYS B 61 -1.35 9.15 -8.88
CA LYS B 61 -0.37 9.85 -9.70
C LYS B 61 -0.17 9.04 -10.98
N GLU B 62 -0.07 7.73 -10.81
CA GLU B 62 0.15 6.83 -11.93
C GLU B 62 -1.09 6.69 -12.80
N VAL B 63 -2.23 7.11 -12.26
CA VAL B 63 -3.48 7.04 -12.98
C VAL B 63 -3.73 8.40 -13.65
N ALA B 64 -3.03 9.42 -13.15
CA ALA B 64 -3.15 10.77 -13.68
C ALA B 64 -2.35 10.87 -14.97
N SER B 65 -1.20 10.20 -15.01
CA SER B 65 -0.37 10.23 -16.19
C SER B 65 -0.98 9.38 -17.31
N ASP B 66 -1.72 8.34 -16.95
CA ASP B 66 -2.35 7.48 -17.94
C ASP B 66 -3.44 8.22 -18.71
N THR B 67 -4.19 9.04 -18.01
CA THR B 67 -5.28 9.79 -18.64
C THR B 67 -4.75 10.71 -19.74
N THR B 68 -3.43 10.87 -19.81
CA THR B 68 -2.86 11.72 -20.85
C THR B 68 -3.14 11.05 -22.19
N LYS B 69 -3.30 9.73 -22.12
CA LYS B 69 -3.61 8.92 -23.29
C LYS B 69 -4.94 9.35 -23.90
N PHE B 70 -5.98 9.40 -23.08
CA PHE B 70 -7.32 9.77 -23.52
C PHE B 70 -7.48 11.29 -23.58
N GLN B 71 -7.62 11.85 -24.79
CA GLN B 71 -7.77 13.28 -24.95
C GLN B 71 -9.22 13.68 -24.72
N TRP B 72 -9.70 13.48 -23.49
CA TRP B 72 -11.08 13.80 -23.11
C TRP B 72 -11.43 15.28 -23.25
N ARG B 73 -10.44 16.15 -23.15
CA ARG B 73 -10.67 17.58 -23.27
C ARG B 73 -11.13 17.98 -24.66
N SER B 74 -11.72 17.04 -25.39
CA SER B 74 -12.23 17.30 -26.73
C SER B 74 -13.25 16.23 -27.09
N TYR B 75 -13.66 15.48 -26.08
CA TYR B 75 -14.62 14.39 -26.25
C TYR B 75 -16.05 14.80 -26.60
N GLN B 76 -16.87 13.78 -26.84
CA GLN B 76 -18.25 13.95 -27.20
C GLN B 76 -19.19 13.92 -25.99
N SER B 77 -19.58 12.70 -25.62
CA SER B 77 -20.49 12.44 -24.50
C SER B 77 -20.01 12.93 -23.14
N GLU B 78 -20.46 14.11 -22.73
CA GLU B 78 -20.06 14.65 -21.44
C GLU B 78 -20.75 13.86 -20.34
N ASP B 79 -19.93 13.15 -19.60
CA ASP B 79 -20.29 12.28 -18.50
C ASP B 79 -18.98 11.56 -18.33
N LEU B 80 -18.38 11.21 -19.48
CA LEU B 80 -17.08 10.56 -19.50
C LEU B 80 -16.17 11.74 -19.24
N LYS B 81 -16.40 12.81 -19.98
CA LYS B 81 -15.60 14.01 -19.84
C LYS B 81 -15.75 14.61 -18.44
N ARG B 82 -16.84 14.27 -17.76
CA ARG B 82 -17.07 14.76 -16.41
C ARG B 82 -16.21 13.94 -15.46
N GLN B 83 -16.20 12.63 -15.69
CA GLN B 83 -15.42 11.72 -14.86
C GLN B 83 -13.92 11.99 -14.92
N PHE B 84 -13.40 12.28 -16.12
CA PHE B 84 -11.98 12.56 -16.28
C PHE B 84 -11.59 13.83 -15.55
N LYS B 85 -12.35 14.89 -15.77
CA LYS B 85 -12.04 16.16 -15.11
C LYS B 85 -11.99 15.91 -13.60
N ALA B 86 -12.88 15.05 -13.11
CA ALA B 86 -12.94 14.75 -11.68
C ALA B 86 -11.83 13.84 -11.19
N LEU B 87 -11.61 12.73 -11.89
CA LEU B 87 -10.57 11.78 -11.50
C LEU B 87 -9.17 12.35 -11.61
N THR B 88 -8.92 13.14 -12.66
CA THR B 88 -7.59 13.73 -12.85
C THR B 88 -7.35 14.84 -11.82
N LYS B 89 -8.42 15.40 -11.26
CA LYS B 89 -8.25 16.43 -10.27
C LYS B 89 -7.78 15.77 -8.98
N LEU B 90 -6.48 15.62 -8.89
CA LEU B 90 -5.87 15.02 -7.73
C LEU B 90 -5.89 16.11 -6.67
N GLY B 91 -5.97 15.74 -5.40
CA GLY B 91 -5.97 16.79 -4.40
C GLY B 91 -4.57 16.85 -3.83
N TYR B 92 -4.47 16.58 -2.53
CA TYR B 92 -3.21 16.56 -1.81
C TYR B 92 -2.29 15.54 -2.47
N ALA B 93 -2.88 14.64 -3.24
CA ALA B 93 -2.14 13.58 -3.91
C ALA B 93 -1.23 14.06 -5.04
N ALA B 94 -1.46 15.26 -5.58
CA ALA B 94 -0.59 15.75 -6.63
C ALA B 94 0.80 15.95 -6.01
N LEU B 95 0.80 16.30 -4.73
CA LEU B 95 2.01 16.55 -3.94
C LEU B 95 3.09 15.48 -4.08
N PRO B 96 4.37 15.86 -3.98
CA PRO B 96 5.42 14.84 -4.09
C PRO B 96 5.48 13.99 -2.82
N GLU B 97 5.88 12.72 -2.98
CA GLU B 97 5.96 11.78 -1.88
C GLU B 97 6.36 12.34 -0.52
N ASP B 98 7.53 12.94 -0.44
CA ASP B 98 8.02 13.49 0.83
C ASP B 98 7.03 14.45 1.49
N ASP B 99 6.55 15.42 0.72
CA ASP B 99 5.58 16.38 1.25
C ASP B 99 4.29 15.69 1.71
N TYR B 100 3.66 14.91 0.83
CA TYR B 100 2.43 14.21 1.16
C TYR B 100 2.56 13.49 2.50
N ALA B 101 3.66 12.77 2.68
CA ALA B 101 3.90 12.06 3.93
C ALA B 101 3.96 13.05 5.08
N GLU B 102 4.63 14.18 4.87
CA GLU B 102 4.73 15.15 5.94
C GLU B 102 3.35 15.71 6.23
N LEU B 103 2.56 15.95 5.18
CA LEU B 103 1.20 16.49 5.36
C LEU B 103 0.37 15.51 6.19
N LEU B 104 0.49 14.22 5.87
CA LEU B 104 -0.25 13.19 6.59
C LEU B 104 0.08 13.26 8.07
N ASP B 105 1.37 13.44 8.37
CA ASP B 105 1.81 13.53 9.75
C ASP B 105 1.27 14.73 10.48
N THR B 106 1.55 15.93 9.98
CA THR B 106 1.06 17.12 10.66
C THR B 106 -0.47 17.04 10.83
N LEU B 107 -1.15 16.51 9.81
CA LEU B 107 -2.61 16.32 9.85
C LEU B 107 -2.95 15.40 11.02
N SER B 108 -2.20 14.32 11.16
CA SER B 108 -2.41 13.37 12.25
C SER B 108 -2.11 14.02 13.58
N ALA B 109 -1.07 14.84 13.60
CA ALA B 109 -0.68 15.51 14.83
C ALA B 109 -1.80 16.37 15.40
N MET B 110 -2.48 17.12 14.53
CA MET B 110 -3.56 18.00 14.98
C MET B 110 -4.77 17.17 15.42
N GLU B 111 -5.20 16.27 14.54
CA GLU B 111 -6.33 15.41 14.79
C GLU B 111 -6.22 14.72 16.15
N SER B 112 -5.16 13.94 16.30
CA SER B 112 -4.94 13.24 17.56
C SER B 112 -4.82 14.25 18.70
N ASN B 113 -4.16 15.38 18.44
CA ASN B 113 -4.06 16.34 19.54
C ASN B 113 -5.44 16.75 20.05
N PHE B 114 -6.35 17.04 19.13
CA PHE B 114 -7.72 17.46 19.49
C PHE B 114 -8.41 16.39 20.35
N ALA B 115 -8.50 15.18 19.81
CA ALA B 115 -9.17 14.09 20.49
C ALA B 115 -8.52 13.66 21.82
N LYS B 116 -7.28 14.05 22.06
CA LYS B 116 -6.66 13.63 23.33
C LYS B 116 -6.71 14.67 24.41
N VAL B 117 -7.42 15.76 24.17
CA VAL B 117 -7.53 16.81 25.17
C VAL B 117 -8.23 16.33 26.43
N LYS B 118 -7.59 16.62 27.56
CA LYS B 118 -8.11 16.28 28.88
C LYS B 118 -7.78 17.48 29.77
N VAL B 119 -8.71 17.85 30.65
CA VAL B 119 -8.46 18.97 31.56
C VAL B 119 -8.86 18.59 32.97
N CYS B 120 -8.31 19.29 33.94
CA CYS B 120 -8.60 19.02 35.34
C CYS B 120 -9.90 19.71 35.75
N ASP B 121 -10.71 19.00 36.56
CA ASP B 121 -11.98 19.54 37.03
C ASP B 121 -11.72 20.78 37.89
N TYR B 122 -12.57 21.78 37.71
CA TYR B 122 -12.51 23.07 38.38
C TYR B 122 -12.64 23.00 39.89
N LYS B 123 -13.31 21.95 40.37
CA LYS B 123 -13.52 21.74 41.80
C LYS B 123 -12.72 20.58 42.37
N ASP B 124 -11.80 20.02 41.59
CA ASP B 124 -10.98 18.89 42.02
C ASP B 124 -9.72 18.83 41.16
N SER B 125 -8.70 19.58 41.52
CA SER B 125 -7.46 19.62 40.73
C SER B 125 -6.79 18.26 40.63
N THR B 126 -7.42 17.26 41.23
CA THR B 126 -6.88 15.91 41.21
C THR B 126 -7.42 15.03 40.06
N LYS B 127 -8.67 15.23 39.64
CA LYS B 127 -9.23 14.41 38.58
C LYS B 127 -8.51 14.48 37.22
N CYS B 128 -8.52 15.63 36.57
CA CYS B 128 -7.82 15.74 35.28
C CYS B 128 -8.09 14.70 34.18
N ASP B 129 -9.25 14.06 34.17
CA ASP B 129 -9.55 13.08 33.13
C ASP B 129 -10.78 13.50 32.33
N LEU B 130 -11.22 14.75 32.52
CA LEU B 130 -12.41 15.22 31.81
C LEU B 130 -12.07 15.57 30.36
N ALA B 131 -12.83 14.99 29.43
CA ALA B 131 -12.62 15.21 28.00
C ALA B 131 -13.73 16.11 27.49
N LEU B 132 -13.57 16.56 26.24
CA LEU B 132 -14.54 17.44 25.63
C LEU B 132 -15.92 16.85 25.43
N ASP B 133 -16.00 15.71 24.74
CA ASP B 133 -17.30 15.15 24.44
C ASP B 133 -18.20 15.03 25.64
N PRO B 134 -17.88 14.14 26.57
CA PRO B 134 -18.86 14.16 27.67
C PRO B 134 -18.75 15.35 28.62
N GLU B 135 -17.88 15.22 29.61
CA GLU B 135 -17.71 16.22 30.66
C GLU B 135 -17.75 17.71 30.35
N ILE B 136 -16.69 18.24 29.78
CA ILE B 136 -16.62 19.67 29.50
C ILE B 136 -17.82 20.16 28.65
N GLU B 137 -18.25 19.34 27.69
CA GLU B 137 -19.36 19.72 26.83
C GLU B 137 -20.59 19.96 27.70
N GLU B 138 -20.76 19.14 28.72
CA GLU B 138 -21.90 19.27 29.64
C GLU B 138 -21.79 20.50 30.51
N VAL B 139 -20.60 20.74 31.06
CA VAL B 139 -20.38 21.90 31.92
C VAL B 139 -20.78 23.18 31.18
N ILE B 140 -20.26 23.39 29.98
CA ILE B 140 -20.59 24.58 29.22
C ILE B 140 -22.10 24.69 28.98
N SER B 141 -22.79 23.55 28.87
CA SER B 141 -24.23 23.57 28.64
C SER B 141 -25.04 23.95 29.87
N LYS B 142 -24.73 23.31 31.00
CA LYS B 142 -25.50 23.51 32.22
C LYS B 142 -25.05 24.56 33.23
N SER B 143 -23.74 24.77 33.35
CA SER B 143 -23.22 25.73 34.32
C SER B 143 -23.65 27.18 34.07
N ARG B 144 -23.82 27.92 35.16
CA ARG B 144 -24.24 29.31 35.09
C ARG B 144 -23.31 30.15 35.97
N ASP B 145 -22.10 29.65 36.15
CA ASP B 145 -21.07 30.34 36.92
C ASP B 145 -20.11 30.81 35.83
N HIS B 146 -20.13 32.11 35.54
CA HIS B 146 -19.28 32.63 34.48
C HIS B 146 -17.81 32.37 34.67
N GLU B 147 -17.35 32.41 35.92
CA GLU B 147 -15.95 32.17 36.21
C GLU B 147 -15.62 30.69 35.93
N GLU B 148 -16.55 29.79 36.22
CA GLU B 148 -16.34 28.36 35.95
C GLU B 148 -16.35 28.13 34.42
N LEU B 149 -17.25 28.79 33.70
CA LEU B 149 -17.30 28.60 32.25
C LEU B 149 -16.01 29.14 31.63
N ALA B 150 -15.50 30.22 32.21
CA ALA B 150 -14.27 30.83 31.71
C ALA B 150 -13.12 29.85 31.91
N TYR B 151 -13.08 29.25 33.09
CA TYR B 151 -12.03 28.28 33.41
C TYR B 151 -11.95 27.23 32.33
N TYR B 152 -13.07 26.55 32.11
CA TYR B 152 -13.14 25.50 31.09
C TYR B 152 -12.83 26.00 29.68
N TRP B 153 -13.22 27.24 29.38
CA TRP B 153 -12.95 27.80 28.05
C TRP B 153 -11.44 27.91 27.90
N ARG B 154 -10.82 28.59 28.84
CA ARG B 154 -9.38 28.82 28.82
C ARG B 154 -8.61 27.49 28.78
N GLU B 155 -8.98 26.56 29.65
CA GLU B 155 -8.28 25.28 29.70
C GLU B 155 -8.36 24.51 28.40
N PHE B 156 -9.54 24.50 27.78
CA PHE B 156 -9.73 23.78 26.54
C PHE B 156 -9.04 24.43 25.33
N TYR B 157 -9.17 25.74 25.19
CA TYR B 157 -8.54 26.44 24.06
C TYR B 157 -7.01 26.37 24.06
N ASP B 158 -6.41 26.34 25.25
CA ASP B 158 -4.95 26.28 25.32
C ASP B 158 -4.39 24.92 24.87
N LYS B 159 -5.18 23.86 25.06
CA LYS B 159 -4.74 22.52 24.69
C LYS B 159 -5.11 22.15 23.25
N ALA B 160 -6.35 22.43 22.86
CA ALA B 160 -6.84 22.12 21.53
C ALA B 160 -6.41 23.09 20.43
N GLY B 161 -6.17 24.34 20.78
CA GLY B 161 -5.76 25.29 19.77
C GLY B 161 -4.26 25.58 19.77
N THR B 162 -3.84 26.36 20.75
CA THR B 162 -2.46 26.79 20.88
C THR B 162 -1.40 25.73 20.69
N ALA B 163 -1.52 24.61 21.39
CA ALA B 163 -0.54 23.53 21.27
C ALA B 163 -0.20 23.06 19.85
N VAL B 164 -1.01 23.44 18.86
CA VAL B 164 -0.76 22.99 17.51
C VAL B 164 -0.51 24.07 16.42
N ARG B 165 -0.23 25.32 16.82
CA ARG B 165 0.00 26.37 15.84
C ARG B 165 1.06 25.96 14.80
N SER B 166 2.15 25.39 15.30
CA SER B 166 3.27 24.92 14.49
C SER B 166 2.86 23.98 13.37
N GLN B 167 2.05 22.98 13.68
CA GLN B 167 1.60 22.04 12.67
C GLN B 167 0.62 22.70 11.72
N PHE B 168 -0.33 23.45 12.29
CA PHE B 168 -1.32 24.12 11.48
C PHE B 168 -0.67 24.96 10.36
N GLU B 169 0.33 25.76 10.74
CA GLU B 169 1.03 26.60 9.77
C GLU B 169 1.65 25.81 8.61
N ARG B 170 2.31 24.69 8.92
CA ARG B 170 2.91 23.86 7.86
C ARG B 170 1.78 23.25 7.02
N TYR B 171 0.66 22.97 7.67
CA TYR B 171 -0.50 22.42 6.97
C TYR B 171 -0.95 23.41 5.91
N VAL B 172 -1.03 24.68 6.30
CA VAL B 172 -1.43 25.71 5.38
C VAL B 172 -0.47 25.77 4.20
N GLU B 173 0.84 25.69 4.50
CA GLU B 173 1.87 25.74 3.47
C GLU B 173 1.73 24.59 2.48
N LEU B 174 1.57 23.38 2.99
CA LEU B 174 1.43 22.22 2.12
C LEU B 174 0.10 22.27 1.37
N ASN B 175 -0.94 22.74 2.05
CA ASN B 175 -2.25 22.88 1.42
C ASN B 175 -2.13 23.83 0.20
N THR B 176 -1.38 24.91 0.37
CA THR B 176 -1.21 25.87 -0.71
C THR B 176 -0.39 25.28 -1.85
N LYS B 177 0.67 24.56 -1.50
CA LYS B 177 1.52 23.93 -2.50
C LYS B 177 0.70 22.96 -3.33
N ALA B 178 -0.07 22.12 -2.64
CA ALA B 178 -0.90 21.14 -3.33
C ALA B 178 -1.85 21.80 -4.30
N ALA B 179 -2.52 22.88 -3.88
CA ALA B 179 -3.49 23.57 -4.74
C ALA B 179 -2.90 24.07 -6.05
N LYS B 180 -1.77 24.75 -5.97
CA LYS B 180 -1.12 25.26 -7.17
C LYS B 180 -0.76 24.11 -8.11
N LEU B 181 -0.29 22.99 -7.57
CA LEU B 181 0.05 21.84 -8.41
C LEU B 181 -1.16 21.38 -9.25
N ASN B 182 -2.36 21.67 -8.76
CA ASN B 182 -3.59 21.31 -9.45
C ASN B 182 -4.18 22.46 -10.24
N ASN B 183 -3.38 23.50 -10.45
CA ASN B 183 -3.80 24.68 -11.21
C ASN B 183 -4.75 25.61 -10.48
N PHE B 184 -4.87 25.47 -9.16
CA PHE B 184 -5.73 26.36 -8.40
C PHE B 184 -4.85 27.49 -7.81
N THR B 185 -5.46 28.65 -7.59
CA THR B 185 -4.78 29.79 -7.01
C THR B 185 -4.30 29.47 -5.60
N SER B 186 -5.14 28.76 -4.86
CA SER B 186 -4.85 28.38 -3.49
C SER B 186 -5.89 27.37 -3.05
N GLY B 187 -5.72 26.81 -1.85
CA GLY B 187 -6.68 25.85 -1.34
C GLY B 187 -8.08 26.42 -1.23
N ALA B 188 -8.16 27.74 -1.15
CA ALA B 188 -9.44 28.42 -1.04
C ALA B 188 -10.27 28.26 -2.30
N GLU B 189 -9.64 28.47 -3.46
CA GLU B 189 -10.36 28.35 -4.71
C GLU B 189 -10.64 26.88 -5.02
N ALA B 190 -9.80 26.00 -4.51
CA ALA B 190 -9.95 24.56 -4.71
C ALA B 190 -11.23 24.06 -4.01
N TRP B 191 -11.46 24.54 -2.80
CA TRP B 191 -12.66 24.18 -2.06
C TRP B 191 -13.88 24.75 -2.79
N LEU B 192 -13.78 26.01 -3.22
CA LEU B 192 -14.90 26.63 -3.93
C LEU B 192 -15.19 25.91 -5.25
N ASP B 193 -14.19 25.24 -5.80
CA ASP B 193 -14.39 24.52 -7.04
C ASP B 193 -15.52 23.50 -6.91
N GLU B 194 -15.70 22.96 -5.69
CA GLU B 194 -16.73 21.94 -5.43
C GLU B 194 -18.17 22.41 -5.66
N TYR B 195 -18.38 23.73 -5.68
CA TYR B 195 -19.72 24.26 -5.91
C TYR B 195 -19.92 24.62 -7.40
N GLU B 196 -18.88 24.38 -8.18
CA GLU B 196 -18.90 24.63 -9.63
C GLU B 196 -19.66 25.89 -10.02
N ASP B 197 -19.27 27.03 -9.47
CA ASP B 197 -19.92 28.29 -9.78
C ASP B 197 -19.03 29.47 -9.35
N ASP B 198 -18.42 30.12 -10.35
CA ASP B 198 -17.52 31.24 -10.11
C ASP B 198 -18.10 32.39 -9.30
N THR B 199 -19.42 32.40 -9.07
CA THR B 199 -20.03 33.47 -8.28
C THR B 199 -20.64 32.94 -6.97
N PHE B 200 -20.19 31.78 -6.52
CA PHE B 200 -20.73 31.18 -5.29
C PHE B 200 -20.49 31.99 -4.01
N GLU B 201 -19.25 32.44 -3.80
CA GLU B 201 -18.92 33.22 -2.61
C GLU B 201 -19.77 34.49 -2.51
N GLN B 202 -19.95 35.18 -3.64
CA GLN B 202 -20.76 36.38 -3.67
C GLN B 202 -22.22 36.09 -3.36
N GLN B 203 -22.75 34.98 -3.89
CA GLN B 203 -24.12 34.60 -3.62
C GLN B 203 -24.27 34.42 -2.11
N LEU B 204 -23.28 33.77 -1.50
CA LEU B 204 -23.35 33.55 -0.07
C LEU B 204 -23.23 34.87 0.69
N GLU B 205 -22.45 35.79 0.14
CA GLU B 205 -22.28 37.09 0.78
C GLU B 205 -23.62 37.87 0.71
N ASP B 206 -24.34 37.68 -0.40
CA ASP B 206 -25.63 38.35 -0.59
C ASP B 206 -26.76 37.80 0.29
N ILE B 207 -26.80 36.49 0.49
CA ILE B 207 -27.85 35.91 1.32
C ILE B 207 -27.61 36.29 2.76
N PHE B 208 -26.35 36.27 3.19
CA PHE B 208 -26.01 36.62 4.56
C PHE B 208 -26.45 38.04 4.82
N ALA B 209 -26.17 38.93 3.86
CA ALA B 209 -26.55 40.34 3.99
C ALA B 209 -28.05 40.49 4.26
N ASP B 210 -28.87 39.64 3.62
CA ASP B 210 -30.31 39.67 3.79
C ASP B 210 -30.80 39.21 5.15
N ILE B 211 -30.09 38.26 5.73
CA ILE B 211 -30.49 37.69 7.02
C ILE B 211 -29.85 38.39 8.21
N ARG B 212 -28.70 39.01 7.98
CA ARG B 212 -27.96 39.72 9.02
C ARG B 212 -28.85 40.58 9.90
N PRO B 213 -29.73 41.41 9.29
CA PRO B 213 -30.61 42.24 10.11
C PRO B 213 -31.39 41.37 11.11
N LEU B 214 -31.86 40.22 10.65
CA LEU B 214 -32.55 39.33 11.59
C LEU B 214 -31.53 38.88 12.64
N TYR B 215 -30.29 38.62 12.22
CA TYR B 215 -29.32 38.17 13.19
C TYR B 215 -29.06 39.25 14.25
N GLN B 216 -29.28 40.51 13.89
CA GLN B 216 -29.06 41.61 14.83
C GLN B 216 -30.36 42.09 15.49
N GLN B 217 -31.11 41.14 15.99
CA GLN B 217 -32.37 41.37 16.69
C GLN B 217 -32.48 40.21 17.67
N ILE B 218 -31.58 39.25 17.48
CA ILE B 218 -31.47 38.05 18.31
C ILE B 218 -30.27 38.29 19.19
N HIS B 219 -29.19 38.78 18.56
CA HIS B 219 -27.94 39.07 19.24
C HIS B 219 -28.18 40.06 20.38
N GLY B 220 -28.74 41.22 20.04
CA GLY B 220 -29.01 42.22 21.05
C GLY B 220 -29.96 41.73 22.12
N TYR B 221 -30.92 40.90 21.72
CA TYR B 221 -31.91 40.36 22.66
C TYR B 221 -31.26 39.37 23.62
N VAL B 222 -30.34 38.56 23.10
CA VAL B 222 -29.64 37.57 23.90
C VAL B 222 -28.63 38.25 24.82
N ARG B 223 -28.05 39.35 24.35
CA ARG B 223 -27.09 40.12 25.13
C ARG B 223 -27.86 40.84 26.23
N PHE B 224 -29.12 41.12 25.95
CA PHE B 224 -30.01 41.80 26.88
C PHE B 224 -30.30 40.95 28.13
N ARG B 225 -30.85 39.76 27.90
CA ARG B 225 -31.20 38.85 29.00
C ARG B 225 -29.97 38.42 29.79
N LEU B 226 -28.93 38.02 29.07
CA LEU B 226 -27.68 37.58 29.71
C LEU B 226 -27.15 38.62 30.68
N ARG B 227 -27.18 39.88 30.24
CA ARG B 227 -26.73 41.00 31.07
C ARG B 227 -27.73 41.19 32.23
N LYS B 228 -28.99 40.84 31.99
CA LYS B 228 -30.02 40.96 33.01
C LYS B 228 -29.80 39.82 34.02
N HIS B 229 -29.41 38.66 33.49
CA HIS B 229 -29.17 37.49 34.31
C HIS B 229 -27.83 37.49 35.03
N TYR B 230 -26.74 37.63 34.29
CA TYR B 230 -25.40 37.62 34.89
C TYR B 230 -25.00 38.95 35.48
N GLY B 231 -25.62 40.03 35.02
CA GLY B 231 -25.27 41.33 35.56
C GLY B 231 -24.36 42.18 34.67
N ASP B 232 -24.48 43.49 34.85
CA ASP B 232 -23.71 44.49 34.11
C ASP B 232 -22.21 44.24 34.03
N ALA B 233 -21.58 43.99 35.17
CA ALA B 233 -20.14 43.78 35.20
C ALA B 233 -19.70 42.58 34.37
N VAL B 234 -20.60 41.63 34.17
CA VAL B 234 -20.29 40.44 33.42
C VAL B 234 -20.58 40.58 31.93
N VAL B 235 -21.73 41.18 31.61
CA VAL B 235 -22.12 41.38 30.22
C VAL B 235 -22.39 42.86 30.02
N SER B 236 -21.61 43.51 29.16
CA SER B 236 -21.81 44.92 28.91
C SER B 236 -22.77 45.15 27.76
N GLU B 237 -23.47 46.27 27.78
CA GLU B 237 -24.38 46.63 26.71
C GLU B 237 -23.49 47.22 25.62
N THR B 238 -23.88 47.05 24.36
CA THR B 238 -23.11 47.60 23.23
C THR B 238 -21.76 46.91 22.98
N GLY B 239 -21.31 46.04 23.88
CA GLY B 239 -20.06 45.34 23.67
C GLY B 239 -20.32 43.98 23.09
N PRO B 240 -19.31 43.27 22.55
CA PRO B 240 -19.58 41.94 21.99
C PRO B 240 -19.88 40.95 23.13
N ILE B 241 -20.77 39.99 22.89
CA ILE B 241 -21.12 39.03 23.91
C ILE B 241 -19.98 38.12 24.33
N PRO B 242 -19.76 38.00 25.65
CA PRO B 242 -18.70 37.12 26.16
C PRO B 242 -19.08 35.69 25.83
N MET B 243 -18.40 35.13 24.83
CA MET B 243 -18.68 33.76 24.42
C MET B 243 -18.28 32.94 25.66
N HIS B 244 -19.00 31.86 25.92
CA HIS B 244 -18.77 30.97 27.07
C HIS B 244 -19.96 31.07 27.98
N LEU B 245 -20.82 32.04 27.68
CA LEU B 245 -22.06 32.26 28.42
C LEU B 245 -23.17 31.92 27.41
N LEU B 246 -22.76 31.48 26.22
CA LEU B 246 -23.69 31.12 25.16
C LEU B 246 -23.98 29.61 25.05
N GLY B 247 -23.54 28.87 26.07
CA GLY B 247 -23.75 27.43 26.16
C GLY B 247 -23.08 26.50 25.18
N ASN B 248 -22.13 27.03 24.41
CA ASN B 248 -21.43 26.23 23.42
C ASN B 248 -19.99 26.73 23.30
N MET B 249 -19.05 25.80 23.42
CA MET B 249 -17.62 26.05 23.36
C MET B 249 -17.14 26.96 22.22
N TRP B 250 -17.90 27.00 21.13
CA TRP B 250 -17.54 27.83 19.99
C TRP B 250 -18.63 28.86 19.74
N ALA B 251 -19.65 28.84 20.60
CA ALA B 251 -20.76 29.76 20.47
C ALA B 251 -21.39 29.68 19.08
N GLN B 252 -21.34 28.50 18.48
CA GLN B 252 -21.91 28.33 17.14
C GLN B 252 -23.44 28.14 17.18
N GLN B 253 -23.97 27.76 18.35
CA GLN B 253 -25.42 27.56 18.52
C GLN B 253 -25.73 27.91 19.97
N TRP B 254 -26.86 28.58 20.23
CA TRP B 254 -27.17 29.03 21.58
C TRP B 254 -28.35 28.38 22.31
N SER B 255 -29.07 27.46 21.66
CA SER B 255 -30.24 26.84 22.29
C SER B 255 -29.99 26.29 23.70
N GLU B 256 -28.76 25.89 23.98
CA GLU B 256 -28.42 25.36 25.30
C GLU B 256 -28.71 26.33 26.46
N ILE B 257 -28.77 27.64 26.21
CA ILE B 257 -29.09 28.55 27.30
C ILE B 257 -30.50 29.10 27.19
N ALA B 258 -31.39 28.37 26.54
CA ALA B 258 -32.77 28.81 26.37
C ALA B 258 -33.50 29.03 27.69
N ASP B 259 -33.10 28.31 28.73
CA ASP B 259 -33.75 28.46 30.03
C ASP B 259 -33.63 29.85 30.66
N ILE B 260 -32.54 30.56 30.38
CA ILE B 260 -32.37 31.90 30.93
C ILE B 260 -32.55 32.99 29.89
N VAL B 261 -32.79 32.59 28.64
CA VAL B 261 -32.93 33.53 27.54
C VAL B 261 -34.20 33.45 26.67
N SER B 262 -35.14 32.57 27.01
CA SER B 262 -36.37 32.45 26.22
C SER B 262 -37.42 33.54 26.49
N PRO B 263 -38.11 34.00 25.43
CA PRO B 263 -39.14 35.03 25.42
C PRO B 263 -40.17 34.88 26.53
N PHE B 264 -40.72 33.68 26.64
CA PHE B 264 -41.73 33.38 27.63
C PHE B 264 -41.30 32.22 28.51
N PRO B 265 -40.52 32.51 29.57
CA PRO B 265 -40.05 31.45 30.47
C PRO B 265 -41.21 30.72 31.16
N GLU B 266 -42.35 31.41 31.30
CA GLU B 266 -43.52 30.81 31.92
C GLU B 266 -44.20 29.81 30.98
N LYS B 267 -44.01 30.02 29.68
CA LYS B 267 -44.59 29.13 28.67
C LYS B 267 -43.65 27.95 28.45
N PRO B 268 -44.16 26.85 27.87
CA PRO B 268 -43.32 25.66 27.64
C PRO B 268 -42.17 25.87 26.66
N LEU B 269 -41.05 25.22 26.94
CA LEU B 269 -39.87 25.28 26.07
C LEU B 269 -39.50 23.86 25.70
N VAL B 270 -39.84 23.44 24.49
CA VAL B 270 -39.52 22.07 24.09
C VAL B 270 -38.11 21.65 24.50
N ASP B 271 -38.06 20.82 25.54
CA ASP B 271 -36.83 20.27 26.12
C ASP B 271 -37.20 18.81 26.32
N VAL B 272 -37.18 18.04 25.24
CA VAL B 272 -37.55 16.63 25.30
C VAL B 272 -36.53 15.75 26.01
N SER B 273 -35.37 16.31 26.33
CA SER B 273 -34.32 15.53 27.00
C SER B 273 -34.84 14.77 28.22
N ALA B 274 -35.45 15.48 29.15
CA ALA B 274 -35.97 14.87 30.38
C ALA B 274 -36.95 13.70 30.11
N GLU B 275 -37.88 13.87 29.18
CA GLU B 275 -38.83 12.80 28.87
C GLU B 275 -38.15 11.61 28.23
N MET B 276 -37.18 11.88 27.35
CA MET B 276 -36.45 10.80 26.70
C MET B 276 -35.84 9.96 27.81
N GLU B 277 -35.23 10.64 28.78
CA GLU B 277 -34.56 9.99 29.90
C GLU B 277 -35.53 9.27 30.83
N LYS B 278 -36.63 9.94 31.20
CA LYS B 278 -37.59 9.32 32.10
C LYS B 278 -38.28 8.16 31.41
N GLN B 279 -38.29 8.17 30.08
CA GLN B 279 -38.93 7.11 29.31
C GLN B 279 -38.01 5.94 28.96
N ALA B 280 -36.80 5.96 29.50
CA ALA B 280 -35.84 4.88 29.26
C ALA B 280 -35.25 4.84 27.84
N TYR B 281 -35.23 5.99 27.16
CA TYR B 281 -34.66 6.06 25.82
C TYR B 281 -33.18 5.68 25.85
N THR B 282 -32.73 4.99 24.80
CA THR B 282 -31.32 4.59 24.68
C THR B 282 -30.83 4.97 23.28
N PRO B 283 -29.50 4.97 23.07
CA PRO B 283 -28.98 5.32 21.75
C PRO B 283 -29.61 4.43 20.69
N LEU B 284 -29.68 3.14 20.96
CA LEU B 284 -30.25 2.18 20.01
C LEU B 284 -31.67 2.59 19.62
N LYS B 285 -32.48 2.95 20.61
CA LYS B 285 -33.85 3.38 20.35
C LYS B 285 -33.82 4.59 19.42
N MET B 286 -32.98 5.56 19.76
CA MET B 286 -32.86 6.77 18.97
C MET B 286 -32.51 6.48 17.50
N PHE B 287 -31.60 5.55 17.27
CA PHE B 287 -31.22 5.22 15.89
C PHE B 287 -32.37 4.55 15.16
N GLN B 288 -33.14 3.74 15.89
CA GLN B 288 -34.28 3.07 15.31
C GLN B 288 -35.37 4.08 14.94
N MET B 289 -35.52 5.12 15.76
CA MET B 289 -36.52 6.14 15.46
C MET B 289 -36.08 6.77 14.16
N GLY B 290 -34.80 7.13 14.12
CA GLY B 290 -34.27 7.76 12.93
C GLY B 290 -34.54 6.92 11.70
N ASP B 291 -34.27 5.62 11.83
CA ASP B 291 -34.46 4.66 10.74
C ASP B 291 -35.92 4.66 10.27
N ASP B 292 -36.86 4.63 11.23
CA ASP B 292 -38.29 4.63 10.91
C ASP B 292 -38.73 5.85 10.12
N PHE B 293 -38.16 7.01 10.46
CA PHE B 293 -38.53 8.24 9.75
C PHE B 293 -38.23 8.10 8.26
N PHE B 294 -37.08 7.54 7.92
CA PHE B 294 -36.73 7.38 6.51
C PHE B 294 -37.67 6.40 5.79
N THR B 295 -37.83 5.21 6.33
CA THR B 295 -38.68 4.22 5.70
C THR B 295 -40.13 4.73 5.59
N SER B 296 -40.59 5.46 6.60
CA SER B 296 -41.95 5.97 6.55
C SER B 296 -42.15 6.91 5.35
N MET B 297 -41.05 7.35 4.76
CA MET B 297 -41.09 8.24 3.59
C MET B 297 -40.83 7.42 2.33
N ASN B 298 -40.76 6.11 2.51
CA ASN B 298 -40.51 5.16 1.42
C ASN B 298 -39.05 5.21 0.99
N LEU B 299 -38.19 5.68 1.91
CA LEU B 299 -36.75 5.76 1.66
C LEU B 299 -36.13 4.48 2.23
N THR B 300 -34.85 4.27 1.91
CA THR B 300 -34.12 3.06 2.29
C THR B 300 -33.87 2.75 3.76
N LYS B 301 -34.15 1.50 4.13
CA LYS B 301 -33.96 1.04 5.51
C LYS B 301 -32.48 0.81 5.74
N LEU B 302 -32.04 0.96 6.98
CA LEU B 302 -30.64 0.75 7.34
C LEU B 302 -30.29 -0.73 7.09
N PRO B 303 -29.19 -0.99 6.37
CA PRO B 303 -28.77 -2.36 6.08
C PRO B 303 -28.23 -3.09 7.31
N GLN B 304 -28.04 -4.41 7.22
CA GLN B 304 -27.57 -5.19 8.35
C GLN B 304 -26.16 -4.84 8.84
N ASP B 305 -25.28 -4.45 7.92
CA ASP B 305 -23.91 -4.09 8.29
C ASP B 305 -23.90 -2.89 9.21
N PHE B 306 -24.87 -1.98 9.02
CA PHE B 306 -24.95 -0.79 9.85
C PHE B 306 -25.13 -1.12 11.32
N TRP B 307 -26.08 -1.99 11.65
CA TRP B 307 -26.29 -2.34 13.04
C TRP B 307 -25.15 -3.18 13.63
N ASP B 308 -24.57 -4.06 12.83
CA ASP B 308 -23.48 -4.90 13.34
C ASP B 308 -22.17 -4.12 13.50
N LYS B 309 -21.83 -3.32 12.50
CA LYS B 309 -20.58 -2.58 12.52
C LYS B 309 -20.56 -1.14 13.06
N SER B 310 -21.68 -0.62 13.55
CA SER B 310 -21.66 0.76 14.05
C SER B 310 -21.32 0.86 15.52
N ILE B 311 -20.80 2.02 15.90
CA ILE B 311 -20.44 2.28 17.29
C ILE B 311 -21.31 3.46 17.73
N ILE B 312 -22.47 3.15 18.30
CA ILE B 312 -23.42 4.16 18.73
C ILE B 312 -23.36 4.61 20.20
N GLU B 313 -22.35 4.16 20.94
CA GLU B 313 -22.20 4.56 22.34
C GLU B 313 -20.71 4.60 22.64
N LYS B 314 -20.28 5.56 23.44
CA LYS B 314 -18.86 5.72 23.78
C LYS B 314 -18.26 4.51 24.48
N PRO B 315 -17.20 3.92 23.90
CA PRO B 315 -16.53 2.76 24.47
C PRO B 315 -16.27 2.89 25.97
N THR B 316 -16.48 1.81 26.70
CA THR B 316 -16.33 1.79 28.14
C THR B 316 -14.90 1.62 28.64
N ASP B 317 -14.00 1.18 27.77
CA ASP B 317 -12.59 1.00 28.16
C ASP B 317 -11.88 2.36 28.15
N GLY B 318 -10.62 2.37 28.59
CA GLY B 318 -9.89 3.62 28.65
C GLY B 318 -9.14 3.95 27.38
N ARG B 319 -9.65 3.48 26.25
CA ARG B 319 -8.97 3.73 24.99
C ARG B 319 -9.27 5.13 24.47
N ASP B 320 -8.37 5.64 23.63
CA ASP B 320 -8.57 6.95 23.03
C ASP B 320 -9.19 6.74 21.66
N LEU B 321 -10.12 7.62 21.30
CA LEU B 321 -10.77 7.52 20.03
C LEU B 321 -11.23 8.91 19.65
N VAL B 322 -11.85 9.04 18.49
CA VAL B 322 -12.39 10.30 18.04
C VAL B 322 -13.89 10.13 18.23
N CYS B 323 -14.50 10.97 19.06
CA CYS B 323 -15.92 10.78 19.22
C CYS B 323 -16.82 11.80 18.59
N HIS B 324 -16.23 12.69 17.78
CA HIS B 324 -16.99 13.70 17.07
C HIS B 324 -17.83 12.93 16.07
N ALA B 325 -19.14 12.88 16.31
CA ALA B 325 -20.08 12.13 15.46
C ALA B 325 -19.75 12.25 13.99
N SER B 326 -19.97 11.16 13.27
CA SER B 326 -19.68 11.15 11.83
C SER B 326 -20.24 9.88 11.18
N ALA B 327 -20.45 9.93 9.86
CA ALA B 327 -20.99 8.78 9.11
C ALA B 327 -20.00 8.28 8.02
N TRP B 328 -19.89 6.96 7.85
CA TRP B 328 -18.94 6.39 6.89
C TRP B 328 -19.45 5.51 5.73
N ASP B 329 -18.97 5.82 4.52
CA ASP B 329 -19.31 5.06 3.33
C ASP B 329 -18.11 4.17 3.02
N PHE B 330 -18.28 2.86 3.14
CA PHE B 330 -17.19 1.93 2.89
C PHE B 330 -17.02 1.52 1.43
N TYR B 331 -17.77 2.17 0.55
CA TYR B 331 -17.72 1.94 -0.89
C TYR B 331 -17.84 0.51 -1.39
N LEU B 332 -18.85 -0.17 -0.90
CA LEU B 332 -19.13 -1.52 -1.33
C LEU B 332 -20.62 -1.45 -1.59
N ILE B 333 -21.35 -2.44 -1.11
CA ILE B 333 -22.77 -2.42 -1.28
C ILE B 333 -23.36 -2.73 0.09
N ASP B 334 -23.96 -1.71 0.69
CA ASP B 334 -24.58 -1.80 2.00
C ASP B 334 -23.68 -1.74 3.23
N ASP B 335 -22.38 -1.47 3.04
CA ASP B 335 -21.50 -1.38 4.20
C ASP B 335 -21.36 0.08 4.59
N VAL B 336 -22.29 0.55 5.41
CA VAL B 336 -22.29 1.94 5.88
C VAL B 336 -22.40 1.95 7.39
N ARG B 337 -21.62 2.81 8.05
CA ARG B 337 -21.63 2.85 9.51
C ARG B 337 -21.48 4.25 10.08
N ILE B 338 -22.05 4.43 11.26
CA ILE B 338 -21.98 5.68 12.00
C ILE B 338 -21.17 5.44 13.28
N LYS B 339 -20.44 6.47 13.72
CA LYS B 339 -19.66 6.38 14.94
C LYS B 339 -20.06 7.60 15.73
N GLN B 340 -20.83 7.38 16.79
CA GLN B 340 -21.29 8.49 17.61
C GLN B 340 -21.32 8.13 19.09
N CYS B 341 -20.80 9.02 19.92
CA CYS B 341 -20.80 8.85 21.37
C CYS B 341 -22.15 9.38 21.86
N THR B 342 -23.22 8.87 21.28
CA THR B 342 -24.55 9.32 21.59
C THR B 342 -24.92 9.34 23.07
N ARG B 343 -25.69 10.37 23.43
CA ARG B 343 -26.22 10.60 24.76
C ARG B 343 -27.71 10.85 24.57
N VAL B 344 -28.53 10.54 25.58
CA VAL B 344 -29.97 10.77 25.44
C VAL B 344 -30.38 12.22 25.73
N THR B 345 -30.41 13.03 24.68
CA THR B 345 -30.81 14.43 24.79
C THR B 345 -31.36 14.78 23.45
N GLN B 346 -32.20 15.81 23.39
CA GLN B 346 -32.80 16.26 22.15
C GLN B 346 -31.75 16.63 21.08
N ASP B 347 -30.68 17.31 21.49
CA ASP B 347 -29.61 17.72 20.57
C ASP B 347 -28.98 16.50 19.94
N GLN B 348 -28.65 15.51 20.76
CA GLN B 348 -28.06 14.26 20.24
C GLN B 348 -29.02 13.57 19.28
N LEU B 349 -30.31 13.73 19.53
CA LEU B 349 -31.34 13.14 18.69
C LEU B 349 -31.31 13.79 17.30
N PHE B 350 -31.08 15.10 17.25
CA PHE B 350 -31.00 15.80 15.97
C PHE B 350 -29.73 15.32 15.29
N THR B 351 -28.64 15.26 16.05
CA THR B 351 -27.39 14.78 15.48
C THR B 351 -27.56 13.39 14.86
N VAL B 352 -28.28 12.51 15.56
CA VAL B 352 -28.48 11.18 15.03
C VAL B 352 -29.09 11.28 13.64
N HIS B 353 -30.08 12.14 13.46
CA HIS B 353 -30.75 12.30 12.16
C HIS B 353 -29.81 12.91 11.14
N HIS B 354 -28.98 13.84 11.59
CA HIS B 354 -28.00 14.47 10.69
C HIS B 354 -27.14 13.37 10.07
N GLU B 355 -26.51 12.55 10.92
CA GLU B 355 -25.66 11.49 10.41
C GLU B 355 -26.40 10.52 9.48
N LEU B 356 -27.63 10.14 9.84
CA LEU B 356 -28.39 9.23 8.98
C LEU B 356 -28.66 9.89 7.64
N GLY B 357 -28.62 11.22 7.63
CA GLY B 357 -28.83 11.93 6.39
C GLY B 357 -27.71 11.50 5.45
N HIS B 358 -26.49 11.47 5.98
CA HIS B 358 -25.34 11.05 5.19
C HIS B 358 -25.51 9.59 4.73
N ILE B 359 -25.85 8.72 5.68
CA ILE B 359 -26.05 7.31 5.39
C ILE B 359 -27.06 7.10 4.26
N GLN B 360 -28.17 7.83 4.32
CA GLN B 360 -29.20 7.68 3.31
C GLN B 360 -28.61 8.03 1.97
N TYR B 361 -27.96 9.18 1.92
CA TYR B 361 -27.33 9.64 0.69
C TYR B 361 -26.38 8.55 0.15
N PHE B 362 -25.66 7.87 1.04
CA PHE B 362 -24.73 6.81 0.63
C PHE B 362 -25.44 5.71 -0.13
N LEU B 363 -26.50 5.20 0.49
CA LEU B 363 -27.28 4.12 -0.09
C LEU B 363 -27.93 4.57 -1.38
N GLN B 364 -28.52 5.77 -1.36
CA GLN B 364 -29.18 6.31 -2.53
C GLN B 364 -28.32 6.38 -3.78
N TYR B 365 -27.02 6.63 -3.64
CA TYR B 365 -26.19 6.73 -4.84
C TYR B 365 -25.14 5.63 -5.01
N GLN B 366 -25.27 4.62 -4.17
CA GLN B 366 -24.38 3.47 -4.18
C GLN B 366 -24.08 2.91 -5.56
N HIS B 367 -25.12 2.76 -6.38
CA HIS B 367 -25.04 2.21 -7.73
C HIS B 367 -24.27 3.07 -8.75
N GLN B 368 -23.99 4.32 -8.38
CA GLN B 368 -23.27 5.24 -9.27
C GLN B 368 -21.78 4.93 -9.40
N PRO B 369 -21.14 5.38 -10.48
CA PRO B 369 -19.70 5.11 -10.68
C PRO B 369 -18.98 5.72 -9.48
N PHE B 370 -17.98 5.04 -8.95
CA PHE B 370 -17.26 5.56 -7.79
C PHE B 370 -17.14 7.09 -7.78
N VAL B 371 -16.56 7.65 -8.83
CA VAL B 371 -16.35 9.09 -8.90
C VAL B 371 -17.63 9.88 -8.58
N TYR B 372 -18.77 9.35 -8.96
CA TYR B 372 -20.03 10.03 -8.68
C TYR B 372 -20.63 9.61 -7.35
N ARG B 373 -19.91 8.81 -6.56
CA ARG B 373 -20.45 8.39 -5.28
C ARG B 373 -20.08 9.36 -4.18
N THR B 374 -20.57 10.59 -4.33
CA THR B 374 -20.33 11.67 -3.39
C THR B 374 -21.59 12.54 -3.54
N GLY B 375 -21.75 13.55 -2.71
CA GLY B 375 -22.94 14.38 -2.81
C GLY B 375 -22.85 15.41 -3.92
N ALA B 376 -24.00 15.89 -4.39
CA ALA B 376 -23.98 16.91 -5.44
C ALA B 376 -23.70 18.15 -4.65
N ASN B 377 -22.50 18.72 -4.76
CA ASN B 377 -22.23 19.90 -3.95
C ASN B 377 -22.15 19.40 -2.50
N PRO B 378 -21.09 19.77 -1.78
CA PRO B 378 -20.90 19.36 -0.38
C PRO B 378 -22.03 19.74 0.52
N GLY B 379 -22.67 20.87 0.20
CA GLY B 379 -23.79 21.36 1.01
C GLY B 379 -24.96 20.41 1.08
N PHE B 380 -25.27 19.78 -0.05
CA PHE B 380 -26.37 18.83 -0.13
C PHE B 380 -26.20 17.67 0.81
N HIS B 381 -24.95 17.23 1.02
CA HIS B 381 -24.73 16.09 1.90
C HIS B 381 -25.07 16.44 3.33
N GLU B 382 -24.77 17.68 3.73
CA GLU B 382 -25.03 18.13 5.09
C GLU B 382 -26.50 18.46 5.37
N ALA B 383 -27.27 18.73 4.33
CA ALA B 383 -28.67 19.15 4.54
C ALA B 383 -29.74 18.06 4.71
N VAL B 384 -29.51 16.88 4.13
CA VAL B 384 -30.46 15.78 4.18
C VAL B 384 -30.97 15.55 5.58
N GLY B 385 -30.10 15.04 6.45
CA GLY B 385 -30.48 14.76 7.81
C GLY B 385 -31.14 15.93 8.54
N ASP B 386 -30.71 17.15 8.22
CA ASP B 386 -31.24 18.33 8.87
C ASP B 386 -32.68 18.57 8.53
N VAL B 387 -33.08 18.14 7.35
CA VAL B 387 -34.46 18.33 6.93
C VAL B 387 -35.40 17.49 7.79
N LEU B 388 -34.98 16.29 8.17
CA LEU B 388 -35.81 15.44 9.02
C LEU B 388 -35.78 16.05 10.42
N SER B 389 -34.59 16.46 10.87
CA SER B 389 -34.49 17.05 12.21
C SER B 389 -35.45 18.25 12.40
N LEU B 390 -35.64 19.04 11.36
CA LEU B 390 -36.55 20.16 11.48
C LEU B 390 -37.95 19.60 11.77
N SER B 391 -38.36 18.58 11.03
CA SER B 391 -39.67 17.96 11.24
C SER B 391 -39.80 17.39 12.65
N VAL B 392 -38.79 16.63 13.05
CA VAL B 392 -38.75 16.01 14.38
C VAL B 392 -38.84 17.00 15.52
N SER B 393 -38.36 18.23 15.28
CA SER B 393 -38.35 19.25 16.31
C SER B 393 -39.71 19.91 16.53
N THR B 394 -40.62 19.79 15.58
CA THR B 394 -41.92 20.44 15.72
C THR B 394 -42.75 19.84 16.82
N PRO B 395 -43.61 20.67 17.46
CA PRO B 395 -44.49 20.24 18.54
C PRO B 395 -45.42 19.17 17.97
N LYS B 396 -45.75 19.32 16.69
CA LYS B 396 -46.63 18.36 16.04
C LYS B 396 -46.09 16.95 16.10
N HIS B 397 -44.87 16.76 15.62
CA HIS B 397 -44.26 15.43 15.61
C HIS B 397 -43.88 14.91 16.99
N LEU B 398 -43.45 15.81 17.86
CA LEU B 398 -43.03 15.39 19.19
C LEU B 398 -44.23 14.97 20.03
N GLU B 399 -45.39 15.55 19.75
CA GLU B 399 -46.58 15.19 20.49
C GLU B 399 -47.04 13.83 19.98
N LYS B 400 -46.95 13.64 18.67
CA LYS B 400 -47.35 12.38 18.06
C LYS B 400 -46.56 11.17 18.59
N ILE B 401 -45.29 11.35 18.92
CA ILE B 401 -44.50 10.25 19.44
C ILE B 401 -44.47 10.25 20.96
N GLY B 402 -45.31 11.08 21.56
CA GLY B 402 -45.40 11.14 23.01
C GLY B 402 -44.27 11.75 23.81
N LEU B 403 -43.30 12.39 23.16
CA LEU B 403 -42.20 13.02 23.89
C LEU B 403 -42.56 14.44 24.30
N LEU B 404 -43.85 14.74 24.26
CA LEU B 404 -44.35 16.04 24.63
C LEU B 404 -45.78 15.75 25.12
N LYS B 405 -45.89 15.30 26.37
CA LYS B 405 -47.17 14.92 26.97
C LYS B 405 -48.34 15.87 26.70
N ASP B 406 -48.30 17.09 27.22
CA ASP B 406 -49.35 18.04 26.94
C ASP B 406 -48.73 19.37 26.56
N TYR B 407 -49.18 19.90 25.42
CA TYR B 407 -48.66 21.13 24.87
C TYR B 407 -49.79 21.95 24.25
N VAL B 408 -49.74 23.27 24.42
CA VAL B 408 -50.74 24.17 23.85
C VAL B 408 -50.05 25.23 22.98
N ARG B 409 -50.50 25.37 21.74
CA ARG B 409 -49.91 26.34 20.80
C ARG B 409 -50.22 27.80 21.13
N ASP B 410 -50.51 28.07 22.40
CA ASP B 410 -50.82 29.43 22.88
C ASP B 410 -50.82 30.51 21.81
N ASP B 411 -49.61 30.89 21.40
CA ASP B 411 -49.39 31.96 20.43
C ASP B 411 -48.06 32.48 20.93
N GLU B 412 -48.11 33.01 22.15
CA GLU B 412 -46.91 33.51 22.81
C GLU B 412 -46.41 32.26 23.50
N ALA B 413 -46.03 31.30 22.65
CA ALA B 413 -45.50 29.99 23.02
C ALA B 413 -44.96 29.45 21.70
N ARG B 414 -45.48 30.01 20.62
CA ARG B 414 -45.06 29.65 19.28
C ARG B 414 -43.72 30.36 19.09
N ILE B 415 -43.57 31.45 19.81
CA ILE B 415 -42.36 32.27 19.79
C ILE B 415 -41.22 31.51 20.45
N ASN B 416 -41.54 30.72 21.47
CA ASN B 416 -40.55 29.92 22.18
C ASN B 416 -40.04 28.78 21.33
N GLN B 417 -40.71 28.53 20.21
CA GLN B 417 -40.31 27.45 19.32
C GLN B 417 -39.49 28.00 18.15
N LEU B 418 -39.93 29.12 17.59
CA LEU B 418 -39.22 29.76 16.49
C LEU B 418 -37.90 30.33 16.97
N PHE B 419 -37.97 31.09 18.06
CA PHE B 419 -36.80 31.71 18.67
C PHE B 419 -35.79 30.66 19.10
N LEU B 420 -36.30 29.54 19.61
CA LEU B 420 -35.44 28.45 20.06
C LEU B 420 -34.67 27.91 18.87
N THR B 421 -35.36 27.86 17.73
CA THR B 421 -34.79 27.38 16.48
C THR B 421 -33.87 28.43 15.87
N ALA B 422 -34.07 29.68 16.26
CA ALA B 422 -33.26 30.78 15.77
C ALA B 422 -31.91 30.80 16.45
N LEU B 423 -31.80 30.05 17.56
CA LEU B 423 -30.54 29.98 18.30
C LEU B 423 -29.63 28.92 17.70
N ASP B 424 -30.17 28.11 16.79
CA ASP B 424 -29.40 27.04 16.15
C ASP B 424 -29.19 27.30 14.64
N LYS B 425 -30.25 27.69 13.96
CA LYS B 425 -30.21 27.92 12.50
C LYS B 425 -29.79 29.32 12.03
N ILE B 426 -30.23 30.37 12.72
CA ILE B 426 -29.84 31.70 12.29
C ILE B 426 -28.51 32.13 12.85
N VAL B 427 -28.30 31.85 14.14
CA VAL B 427 -27.08 32.18 14.84
C VAL B 427 -25.84 31.53 14.19
N PHE B 428 -26.05 30.31 13.68
CA PHE B 428 -25.01 29.52 13.03
C PHE B 428 -24.45 30.13 11.72
N LEU B 429 -25.33 30.66 10.88
CA LEU B 429 -24.95 31.24 9.59
C LEU B 429 -23.64 32.04 9.58
N PRO B 430 -23.55 33.09 10.41
CA PRO B 430 -22.32 33.91 10.46
C PRO B 430 -21.13 33.15 11.07
N PHE B 431 -21.42 32.19 11.95
CA PHE B 431 -20.35 31.39 12.56
C PHE B 431 -19.66 30.56 11.49
N ALA B 432 -20.49 29.84 10.73
CA ALA B 432 -20.00 28.96 9.68
C ALA B 432 -19.29 29.73 8.58
N PHE B 433 -19.76 30.95 8.30
CA PHE B 433 -19.15 31.78 7.28
C PHE B 433 -17.73 32.22 7.68
N THR B 434 -17.54 32.54 8.96
CA THR B 434 -16.23 32.97 9.43
C THR B 434 -15.20 31.85 9.48
N MET B 435 -15.65 30.63 9.73
CA MET B 435 -14.75 29.50 9.78
C MET B 435 -13.97 29.43 8.47
N ASP B 436 -14.67 29.47 7.34
CA ASP B 436 -13.98 29.39 6.07
C ASP B 436 -13.43 30.73 5.57
N LYS B 437 -14.09 31.83 5.87
CA LYS B 437 -13.54 33.12 5.45
C LYS B 437 -12.15 33.20 6.09
N TYR B 438 -12.02 32.71 7.32
CA TYR B 438 -10.73 32.73 8.02
C TYR B 438 -9.69 31.86 7.32
N ARG B 439 -10.01 30.58 7.11
CA ARG B 439 -9.08 29.68 6.45
C ARG B 439 -8.80 30.09 5.00
N TRP B 440 -9.72 30.82 4.40
CA TRP B 440 -9.52 31.29 3.03
C TRP B 440 -8.44 32.37 3.01
N SER B 441 -8.56 33.30 3.94
CA SER B 441 -7.63 34.41 4.04
C SER B 441 -6.20 33.94 4.29
N LEU B 442 -6.03 32.76 4.88
CA LEU B 442 -4.69 32.23 5.09
C LEU B 442 -4.26 31.54 3.81
N PHE B 443 -5.13 30.65 3.30
CA PHE B 443 -4.88 29.91 2.07
C PHE B 443 -4.44 30.91 1.01
N ARG B 444 -5.18 32.01 0.91
CA ARG B 444 -4.81 33.09 0.02
C ARG B 444 -3.80 33.74 0.98
N GLY B 445 -2.66 34.20 0.49
CA GLY B 445 -1.70 34.77 1.42
C GLY B 445 -2.03 36.18 1.86
N GLU B 446 -3.28 36.41 2.26
CA GLU B 446 -3.74 37.74 2.68
C GLU B 446 -3.43 38.15 4.12
N VAL B 447 -3.01 37.21 4.94
CA VAL B 447 -2.73 37.57 6.33
C VAL B 447 -1.30 37.28 6.72
N ASP B 448 -0.73 38.18 7.52
CA ASP B 448 0.62 38.02 8.01
C ASP B 448 0.61 37.04 9.18
N LYS B 449 1.61 36.16 9.23
CA LYS B 449 1.74 35.18 10.28
C LYS B 449 1.63 35.78 11.66
N ALA B 450 2.13 37.01 11.78
CA ALA B 450 2.13 37.75 13.04
C ALA B 450 0.75 38.19 13.49
N ASN B 451 -0.22 38.08 12.59
CA ASN B 451 -1.59 38.50 12.90
C ASN B 451 -2.59 37.34 12.76
N TRP B 452 -2.09 36.12 12.68
CA TRP B 452 -2.93 34.94 12.52
C TRP B 452 -4.00 34.74 13.60
N ASN B 453 -3.66 34.89 14.86
CA ASN B 453 -4.69 34.66 15.87
C ASN B 453 -5.72 35.78 15.98
N CYS B 454 -5.30 37.02 15.76
CA CYS B 454 -6.22 38.13 15.83
C CYS B 454 -7.11 38.25 14.61
N ALA B 455 -6.60 37.82 13.46
CA ALA B 455 -7.39 37.87 12.24
C ALA B 455 -8.63 37.01 12.52
N PHE B 456 -8.45 35.91 13.23
CA PHE B 456 -9.55 35.00 13.58
C PHE B 456 -10.61 35.76 14.41
N TRP B 457 -10.23 36.19 15.60
CA TRP B 457 -11.18 36.88 16.48
C TRP B 457 -11.78 38.14 15.91
N LYS B 458 -11.06 38.84 15.03
CA LYS B 458 -11.61 40.05 14.46
C LYS B 458 -12.79 39.61 13.62
N LEU B 459 -12.61 38.49 12.92
CA LEU B 459 -13.63 37.92 12.06
C LEU B 459 -14.82 37.42 12.88
N ARG B 460 -14.55 36.85 14.06
CA ARG B 460 -15.64 36.34 14.91
C ARG B 460 -16.40 37.55 15.42
N ASP B 461 -15.63 38.60 15.72
CA ASP B 461 -16.18 39.84 16.21
C ASP B 461 -16.97 40.47 15.07
N GLU B 462 -16.32 40.76 13.95
CA GLU B 462 -17.03 41.38 12.82
C GLU B 462 -18.37 40.76 12.44
N TYR B 463 -18.39 39.45 12.22
CA TYR B 463 -19.61 38.80 11.80
C TYR B 463 -20.55 38.27 12.89
N SER B 464 -20.01 37.74 13.99
CA SER B 464 -20.88 37.19 15.04
C SER B 464 -21.13 38.06 16.28
N GLY B 465 -20.32 39.10 16.47
CA GLY B 465 -20.53 39.94 17.64
C GLY B 465 -20.19 39.18 18.91
N ILE B 466 -19.22 38.29 18.78
CA ILE B 466 -18.77 37.46 19.87
C ILE B 466 -17.27 37.70 20.11
N GLU B 467 -16.83 37.46 21.35
CA GLU B 467 -15.44 37.60 21.74
C GLU B 467 -15.11 36.62 22.87
N PRO B 468 -13.84 36.23 22.98
CA PRO B 468 -13.33 35.30 24.00
C PRO B 468 -13.63 35.84 25.39
N PRO B 469 -13.83 34.94 26.38
CA PRO B 469 -14.12 35.36 27.74
C PRO B 469 -12.92 36.04 28.42
N VAL B 470 -11.74 35.84 27.86
CA VAL B 470 -10.53 36.40 28.42
C VAL B 470 -9.64 36.95 27.29
N VAL B 471 -8.67 37.81 27.60
CA VAL B 471 -7.80 38.37 26.56
C VAL B 471 -6.82 37.37 25.96
N ARG B 472 -6.79 37.28 24.64
CA ARG B 472 -5.84 36.38 23.98
C ARG B 472 -4.81 37.25 23.23
N SER B 473 -3.66 36.68 22.90
CA SER B 473 -2.66 37.45 22.16
C SER B 473 -2.21 36.63 20.97
N GLU B 474 -1.19 37.11 20.26
CA GLU B 474 -0.70 36.37 19.11
C GLU B 474 0.12 35.21 19.61
N LYS B 475 0.35 35.20 20.92
CA LYS B 475 1.09 34.12 21.54
C LYS B 475 0.15 32.90 21.49
N ASP B 476 -1.15 33.13 21.59
CA ASP B 476 -2.10 32.01 21.53
C ASP B 476 -2.53 31.79 20.08
N PHE B 477 -3.21 30.68 19.83
CA PHE B 477 -3.71 30.37 18.49
C PHE B 477 -4.94 29.50 18.68
N ASP B 478 -6.09 30.15 18.54
CA ASP B 478 -7.36 29.51 18.79
C ASP B 478 -8.21 28.80 17.74
N ALA B 479 -7.99 29.04 16.46
CA ALA B 479 -8.79 28.37 15.43
C ALA B 479 -8.80 26.83 15.52
N PRO B 480 -7.70 26.21 15.96
CA PRO B 480 -7.71 24.74 16.03
C PRO B 480 -8.63 24.15 17.08
N ALA B 481 -9.11 24.97 18.00
CA ALA B 481 -9.99 24.48 19.05
C ALA B 481 -11.31 23.96 18.49
N LYS B 482 -11.57 24.29 17.22
CA LYS B 482 -12.78 23.85 16.54
C LYS B 482 -12.45 22.59 15.74
N TYR B 483 -13.02 21.47 16.17
CA TYR B 483 -12.80 20.18 15.53
C TYR B 483 -12.40 20.26 14.06
N HIS B 484 -13.28 20.84 13.24
CA HIS B 484 -13.05 20.97 11.80
C HIS B 484 -11.76 21.67 11.38
N ILE B 485 -11.27 22.60 12.18
CA ILE B 485 -10.04 23.28 11.81
C ILE B 485 -8.90 22.28 12.00
N SER B 486 -8.94 21.55 13.11
CA SER B 486 -7.93 20.54 13.42
C SER B 486 -7.97 19.32 12.51
N ALA B 487 -9.16 18.95 12.03
CA ALA B 487 -9.32 17.78 11.17
C ALA B 487 -9.31 18.05 9.66
N ASP B 488 -9.09 19.31 9.30
CA ASP B 488 -9.06 19.71 7.89
C ASP B 488 -10.35 19.33 7.15
N VAL B 489 -11.50 19.76 7.68
CA VAL B 489 -12.78 19.51 7.05
C VAL B 489 -13.39 20.86 6.65
N GLU B 490 -13.63 21.02 5.35
CA GLU B 490 -14.18 22.26 4.79
C GLU B 490 -15.47 22.62 5.57
N TYR B 491 -15.67 23.90 5.86
CA TYR B 491 -16.81 24.33 6.66
C TYR B 491 -17.95 25.04 5.93
N LEU B 492 -17.64 25.67 4.79
CA LEU B 492 -18.67 26.38 4.04
C LEU B 492 -19.88 25.48 3.77
N ARG B 493 -19.63 24.16 3.76
CA ARG B 493 -20.68 23.18 3.51
C ARG B 493 -21.85 23.32 4.47
N TYR B 494 -21.57 23.73 5.70
CA TYR B 494 -22.63 23.89 6.70
C TYR B 494 -23.43 25.16 6.45
N LEU B 495 -22.75 26.19 5.94
CA LEU B 495 -23.41 27.44 5.68
C LEU B 495 -24.39 27.28 4.55
N VAL B 496 -24.03 26.44 3.57
CA VAL B 496 -24.92 26.22 2.43
C VAL B 496 -26.09 25.36 2.89
N SER B 497 -25.79 24.39 3.75
CA SER B 497 -26.80 23.51 4.28
C SER B 497 -27.88 24.27 5.07
N PHE B 498 -27.48 25.05 6.06
CA PHE B 498 -28.46 25.78 6.84
C PHE B 498 -29.30 26.71 5.95
N ILE B 499 -28.84 26.92 4.72
CA ILE B 499 -29.58 27.76 3.80
C ILE B 499 -30.50 26.91 2.94
N ILE B 500 -29.91 25.99 2.18
CA ILE B 500 -30.68 25.15 1.30
C ILE B 500 -31.55 24.09 1.98
N GLN B 501 -31.29 23.78 3.26
CA GLN B 501 -32.10 22.78 3.93
C GLN B 501 -33.54 23.29 4.10
N PHE B 502 -33.69 24.60 4.25
CA PHE B 502 -35.02 25.16 4.40
C PHE B 502 -35.74 25.11 3.06
N GLN B 503 -34.97 25.15 1.97
CA GLN B 503 -35.58 25.06 0.64
C GLN B 503 -36.10 23.63 0.48
N PHE B 504 -35.28 22.65 0.90
CA PHE B 504 -35.69 21.27 0.81
C PHE B 504 -36.93 21.07 1.68
N TYR B 505 -36.82 21.46 2.94
CA TYR B 505 -37.91 21.34 3.91
C TYR B 505 -39.21 21.96 3.40
N LYS B 506 -39.14 23.22 2.96
CA LYS B 506 -40.33 23.89 2.44
C LYS B 506 -41.00 23.04 1.36
N SER B 507 -40.28 22.75 0.30
CA SER B 507 -40.84 21.97 -0.80
C SER B 507 -41.39 20.61 -0.34
N ALA B 508 -40.64 19.91 0.49
CA ALA B 508 -41.07 18.61 0.99
C ALA B 508 -42.43 18.77 1.69
N CYS B 509 -42.53 19.78 2.54
CA CYS B 509 -43.75 20.05 3.28
C CYS B 509 -44.92 20.34 2.34
N ILE B 510 -44.62 20.98 1.21
CA ILE B 510 -45.63 21.30 0.21
C ILE B 510 -46.03 20.04 -0.55
N LYS B 511 -45.05 19.23 -0.92
CA LYS B 511 -45.31 17.97 -1.64
C LYS B 511 -46.12 17.07 -0.72
N ALA B 512 -46.03 17.32 0.58
CA ALA B 512 -46.82 16.59 1.55
C ALA B 512 -47.99 17.56 1.69
N GLY B 513 -49.00 17.22 2.47
CA GLY B 513 -50.11 18.17 2.59
C GLY B 513 -49.96 18.97 3.88
N GLN B 514 -48.71 19.26 4.23
CA GLN B 514 -48.36 19.94 5.46
C GLN B 514 -48.19 21.45 5.41
N TYR B 515 -47.85 22.02 4.26
CA TYR B 515 -47.64 23.46 4.23
C TYR B 515 -48.40 24.21 3.15
N ASP B 516 -49.17 25.19 3.58
CA ASP B 516 -49.96 26.03 2.71
C ASP B 516 -49.77 27.48 3.11
N PRO B 517 -49.11 28.26 2.25
CA PRO B 517 -48.84 29.68 2.50
C PRO B 517 -50.05 30.50 2.97
N ASP B 518 -51.24 30.18 2.45
CA ASP B 518 -52.47 30.91 2.80
C ASP B 518 -53.26 30.38 3.99
N ASN B 519 -53.26 29.08 4.17
CA ASN B 519 -54.02 28.50 5.26
C ASN B 519 -53.29 28.45 6.60
N VAL B 520 -53.93 28.98 7.64
CA VAL B 520 -53.36 28.95 8.97
C VAL B 520 -53.59 27.52 9.45
N GLU B 521 -53.02 27.16 10.59
CA GLU B 521 -53.15 25.80 11.11
C GLU B 521 -52.31 24.84 10.25
N LEU B 522 -51.56 25.42 9.33
CA LEU B 522 -50.62 24.69 8.47
C LEU B 522 -49.39 25.58 8.28
N PRO B 523 -48.87 26.13 9.39
CA PRO B 523 -47.69 26.99 9.33
C PRO B 523 -46.44 26.19 8.97
N LEU B 524 -45.46 26.85 8.37
CA LEU B 524 -44.23 26.18 7.98
C LEU B 524 -43.54 25.58 9.20
N ASP B 525 -43.43 26.36 10.27
CA ASP B 525 -42.76 25.89 11.47
C ASP B 525 -43.46 24.78 12.23
N ASN B 526 -44.39 24.07 11.59
CA ASN B 526 -45.08 22.98 12.26
C ASN B 526 -45.44 21.79 11.38
N CYS B 527 -44.83 21.66 10.20
CA CYS B 527 -45.12 20.50 9.36
C CYS B 527 -44.20 19.33 9.76
N ASP B 528 -44.73 18.12 9.67
CA ASP B 528 -43.97 16.93 10.06
C ASP B 528 -43.38 16.07 8.95
N ILE B 529 -43.91 16.15 7.74
CA ILE B 529 -43.46 15.32 6.61
C ILE B 529 -43.16 13.86 6.95
N TYR B 530 -43.28 13.49 8.21
CA TYR B 530 -43.06 12.13 8.59
C TYR B 530 -44.10 11.35 7.80
N GLY B 531 -43.73 10.15 7.35
CA GLY B 531 -44.64 9.33 6.59
C GLY B 531 -44.99 9.83 5.21
N SER B 532 -44.26 10.81 4.66
CA SER B 532 -44.61 11.33 3.34
C SER B 532 -43.90 10.67 2.15
N ALA B 533 -44.68 9.92 1.36
CA ALA B 533 -44.15 9.23 0.19
C ALA B 533 -43.77 10.18 -0.94
N ARG B 534 -44.46 11.29 -1.07
CA ARG B 534 -44.18 12.25 -2.12
C ARG B 534 -42.91 13.05 -1.80
N ALA B 535 -42.64 13.25 -0.52
CA ALA B 535 -41.44 13.96 -0.09
C ALA B 535 -40.28 12.97 -0.25
N GLY B 536 -40.53 11.71 0.12
CA GLY B 536 -39.50 10.70 -0.01
C GLY B 536 -39.11 10.55 -1.48
N ALA B 537 -40.12 10.61 -2.35
CA ALA B 537 -39.90 10.48 -3.79
C ALA B 537 -39.00 11.57 -4.33
N ALA B 538 -39.27 12.81 -3.90
CA ALA B 538 -38.47 13.95 -4.32
C ALA B 538 -37.03 13.68 -3.86
N PHE B 539 -36.87 13.37 -2.58
CA PHE B 539 -35.56 13.07 -2.03
C PHE B 539 -34.88 11.98 -2.85
N HIS B 540 -35.62 10.93 -3.21
CA HIS B 540 -35.04 9.85 -4.01
C HIS B 540 -34.53 10.34 -5.38
N ASN B 541 -35.32 11.17 -6.06
CA ASN B 541 -34.88 11.67 -7.37
C ASN B 541 -33.57 12.43 -7.24
N MET B 542 -33.49 13.29 -6.24
CA MET B 542 -32.30 14.09 -6.02
C MET B 542 -31.09 13.30 -5.55
N LEU B 543 -31.25 12.52 -4.48
CA LEU B 543 -30.16 11.75 -3.89
C LEU B 543 -29.51 10.70 -4.80
N SER B 544 -30.33 9.98 -5.57
CA SER B 544 -29.85 8.93 -6.46
C SER B 544 -28.85 9.42 -7.54
N MET B 545 -28.87 10.72 -7.83
CA MET B 545 -27.97 11.28 -8.84
C MET B 545 -26.52 11.38 -8.45
N GLY B 546 -26.27 11.42 -7.14
CA GLY B 546 -24.94 11.53 -6.59
C GLY B 546 -23.82 12.18 -7.40
N ALA B 547 -23.79 13.50 -7.46
CA ALA B 547 -22.70 14.15 -8.20
C ALA B 547 -22.58 13.87 -9.70
N SER B 548 -23.49 13.09 -10.26
CA SER B 548 -23.42 12.79 -11.69
C SER B 548 -23.70 14.03 -12.51
N LYS B 549 -24.16 15.08 -11.86
CA LYS B 549 -24.50 16.32 -12.53
C LYS B 549 -24.28 17.49 -11.61
N PRO B 550 -23.94 18.67 -12.15
CA PRO B 550 -23.74 19.84 -11.29
C PRO B 550 -25.00 20.00 -10.42
N TRP B 551 -24.83 20.54 -9.21
CA TRP B 551 -25.93 20.66 -8.26
C TRP B 551 -27.25 21.35 -8.68
N PRO B 552 -27.20 22.27 -9.65
CA PRO B 552 -28.49 22.87 -10.01
C PRO B 552 -29.47 21.85 -10.59
N ASP B 553 -28.92 20.82 -11.22
CA ASP B 553 -29.72 19.75 -11.82
C ASP B 553 -30.20 18.80 -10.71
N ALA B 554 -29.41 18.71 -9.65
CA ALA B 554 -29.79 17.84 -8.53
C ALA B 554 -30.97 18.48 -7.83
N LEU B 555 -30.86 19.78 -7.59
CA LEU B 555 -31.92 20.50 -6.94
C LEU B 555 -33.18 20.46 -7.80
N GLU B 556 -33.00 20.72 -9.10
CA GLU B 556 -34.11 20.72 -10.05
C GLU B 556 -34.86 19.40 -10.01
N ALA B 557 -34.13 18.32 -9.73
CA ALA B 557 -34.74 17.00 -9.66
C ALA B 557 -35.64 16.94 -8.43
N PHE B 558 -35.29 17.73 -7.42
CA PHE B 558 -36.07 17.77 -6.18
C PHE B 558 -37.38 18.57 -6.32
N ASN B 559 -37.29 19.82 -6.78
CA ASN B 559 -38.49 20.64 -6.91
C ASN B 559 -38.55 21.56 -8.14
N GLY B 560 -37.77 21.27 -9.17
CA GLY B 560 -37.82 22.11 -10.36
C GLY B 560 -37.12 23.45 -10.28
N GLU B 561 -36.54 23.78 -9.13
CA GLU B 561 -35.83 25.05 -8.97
C GLU B 561 -34.35 24.81 -9.25
N ARG B 562 -33.62 25.87 -9.53
CA ARG B 562 -32.20 25.74 -9.84
C ARG B 562 -31.32 26.77 -9.17
N ILE B 563 -31.87 27.54 -8.24
CA ILE B 563 -31.07 28.56 -7.56
C ILE B 563 -31.06 28.42 -6.04
N MET B 564 -29.92 28.76 -5.45
CA MET B 564 -29.72 28.72 -4.00
C MET B 564 -30.25 30.06 -3.53
N SER B 565 -31.16 30.06 -2.55
CA SER B 565 -31.72 31.33 -2.07
C SER B 565 -32.25 31.27 -0.64
N GLY B 566 -32.74 32.41 -0.15
CA GLY B 566 -33.27 32.49 1.20
C GLY B 566 -34.78 32.61 1.26
N LYS B 567 -35.47 32.13 0.24
CA LYS B 567 -36.93 32.19 0.20
C LYS B 567 -37.48 31.02 1.01
N ALA B 568 -36.99 30.87 2.24
CA ALA B 568 -37.42 29.80 3.12
C ALA B 568 -37.23 30.15 4.59
N ILE B 569 -35.99 30.40 5.00
CA ILE B 569 -35.68 30.77 6.39
C ILE B 569 -36.44 32.04 6.74
N ALA B 570 -36.32 33.02 5.86
CA ALA B 570 -36.96 34.31 6.05
C ALA B 570 -38.49 34.21 5.93
N GLU B 571 -38.94 33.03 5.51
CA GLU B 571 -40.38 32.77 5.36
C GLU B 571 -40.76 31.83 6.50
N TYR B 572 -39.74 31.33 7.19
CA TYR B 572 -39.90 30.42 8.31
C TYR B 572 -39.92 31.22 9.60
N PHE B 573 -38.89 32.04 9.77
CA PHE B 573 -38.68 32.88 10.94
C PHE B 573 -39.33 34.27 10.86
N GLU B 574 -40.14 34.51 9.83
CA GLU B 574 -40.79 35.81 9.68
C GLU B 574 -41.58 36.22 10.93
N PRO B 575 -42.48 35.34 11.41
CA PRO B 575 -43.24 35.72 12.60
C PRO B 575 -42.30 36.00 13.76
N LEU B 576 -41.19 35.27 13.83
CA LEU B 576 -40.26 35.51 14.93
C LEU B 576 -39.64 36.89 14.73
N ARG B 577 -39.20 37.16 13.52
CA ARG B 577 -38.57 38.43 13.21
C ARG B 577 -39.48 39.64 13.53
N VAL B 578 -40.79 39.56 13.25
CA VAL B 578 -41.64 40.71 13.56
C VAL B 578 -41.85 40.84 15.07
N TRP B 579 -41.75 39.74 15.80
CA TRP B 579 -41.93 39.77 17.25
C TRP B 579 -40.73 40.45 17.94
N LEU B 580 -39.53 40.26 17.41
CA LEU B 580 -38.34 40.85 18.00
C LEU B 580 -38.26 42.36 17.86
N GLU B 581 -38.34 42.85 16.62
CA GLU B 581 -38.28 44.28 16.36
C GLU B 581 -39.17 45.07 17.32
N ALA B 582 -40.27 44.45 17.72
CA ALA B 582 -41.20 45.09 18.66
C ALA B 582 -40.68 44.91 20.08
N GLU B 583 -40.45 43.66 20.46
CA GLU B 583 -39.94 43.36 21.80
C GLU B 583 -38.66 44.12 22.14
N ASN B 584 -37.74 44.24 21.18
CA ASN B 584 -36.48 44.96 21.39
C ASN B 584 -36.71 46.43 21.68
N ILE B 585 -37.68 47.03 21.00
CA ILE B 585 -38.01 48.43 21.23
C ILE B 585 -38.69 48.58 22.59
N LYS B 586 -39.55 47.61 22.92
CA LYS B 586 -40.28 47.64 24.18
C LYS B 586 -39.32 47.56 25.38
N ASN B 587 -38.20 46.88 25.23
CA ASN B 587 -37.24 46.80 26.32
C ASN B 587 -36.08 47.74 26.10
N ASN B 588 -36.15 48.52 25.02
CA ASN B 588 -35.09 49.46 24.70
C ASN B 588 -33.78 48.65 24.66
N VAL B 589 -33.70 47.72 23.71
CA VAL B 589 -32.56 46.83 23.55
C VAL B 589 -31.54 47.35 22.54
N HIS B 590 -30.31 47.50 22.99
CA HIS B 590 -29.24 47.99 22.13
C HIS B 590 -28.90 47.01 21.00
N ILE B 591 -28.90 47.51 19.77
CA ILE B 591 -28.56 46.68 18.60
C ILE B 591 -27.20 47.09 18.02
N GLY B 592 -26.39 46.08 17.72
CA GLY B 592 -25.08 46.33 17.16
C GLY B 592 -24.06 46.32 18.27
N TRP B 593 -22.78 46.35 17.90
CA TRP B 593 -21.75 46.33 18.92
C TRP B 593 -20.48 47.01 18.47
N ILE B 594 -19.71 47.50 19.45
CA ILE B 594 -18.45 48.17 19.17
C ILE B 594 -17.37 47.12 19.04
N THR B 595 -16.25 47.46 18.38
CA THR B 595 -15.17 46.49 18.19
C THR B 595 -14.59 45.94 19.50
N SER B 596 -14.26 44.66 19.48
CA SER B 596 -13.72 43.97 20.65
C SER B 596 -12.27 44.31 20.99
N ASN B 597 -11.96 44.26 22.29
CA ASN B 597 -10.62 44.52 22.81
C ASN B 597 -9.99 43.25 23.38
N LYS B 598 -10.49 42.08 22.98
CA LYS B 598 -9.99 40.81 23.49
C LYS B 598 -8.70 40.26 22.89
N CYS B 599 -8.33 40.71 21.69
CA CYS B 599 -7.09 40.26 21.05
C CYS B 599 -6.02 41.33 21.19
N VAL B 600 -4.85 40.96 21.72
CA VAL B 600 -3.76 41.90 21.90
C VAL B 600 -2.44 41.19 21.61
N SER B 601 -1.40 41.52 22.39
CA SER B 601 -0.08 40.90 22.26
C SER B 601 0.73 40.92 23.59
N SER B 602 0.05 40.49 24.67
CA SER B 602 0.60 40.34 26.03
C SER B 602 0.67 41.51 27.02
N HIS B 603 0.66 41.17 28.32
CA HIS B 603 0.77 42.11 29.44
C HIS B 603 0.75 41.40 30.80
N HIS B 604 1.78 41.64 31.63
CA HIS B 604 1.89 41.02 32.95
C HIS B 604 2.12 41.96 34.11
N HIS B 605 1.73 41.52 35.30
CA HIS B 605 1.89 42.30 36.54
C HIS B 605 2.97 41.71 37.43
N HIS B 606 3.97 41.05 36.85
CA HIS B 606 5.02 40.47 37.67
C HIS B 606 6.44 40.74 37.23
N HIS B 607 7.27 41.11 38.21
CA HIS B 607 8.68 41.42 38.00
C HIS B 607 9.44 41.29 39.34
#